data_7DTN
#
_entry.id   7DTN
#
_cell.length_a   49.709
_cell.length_b   72.862
_cell.length_c   82.188
_cell.angle_alpha   84.780
_cell.angle_beta   75.580
_cell.angle_gamma   73.690
#
_symmetry.space_group_name_H-M   'P 1'
#
loop_
_entity.id
_entity.type
_entity.pdbx_description
1 polymer 'Metallo-beta-lactamase type 2'
2 non-polymer 'ZINC ION'
3 non-polymer 'CITRATE ANION'
4 non-polymer 2-(2-ETHOXYETHOXY)ETHANOL
5 water water
#
_entity_poly.entity_id   1
_entity_poly.type   'polypeptide(L)'
_entity_poly.pdbx_seq_one_letter_code
;AESLPDLKIEKLDEGVYVHTSFEEVNGWGVVPKHGLVVLVNAEAYLIDTPFTAKDTEKLVTWFVERGYKIKGSISSHFHS
ESTGGIEWLNSRSIPTYASELTNELLKKDGKVQATNSFSGVNYWLVKNKIEVFYPGPGHTPDNVVVWLPERKILFGG
(OCS)FIKPYGLGNLGDANIEAWPKSAKLLKSKYGKAKLVVPSHSEVGDASLLKLTLEQAVKGLNESKKPSKPSN
;
_entity_poly.pdbx_strand_id   A,B,C,D
#
# COMPACT_ATOMS: atom_id res chain seq x y z
N SER A 3 0.55 17.03 -32.14
CA SER A 3 1.35 16.55 -30.98
C SER A 3 0.45 16.13 -29.80
N LEU A 4 -0.04 14.90 -29.86
CA LEU A 4 -0.95 14.39 -28.81
C LEU A 4 -0.16 13.71 -27.71
N PRO A 5 -0.67 13.69 -26.47
CA PRO A 5 -0.02 12.88 -25.45
C PRO A 5 0.06 11.42 -25.88
N ASP A 6 1.07 10.73 -25.39
CA ASP A 6 1.29 9.33 -25.72
C ASP A 6 0.27 8.44 -25.02
N LEU A 7 -0.08 7.34 -25.67
CA LEU A 7 -0.81 6.26 -25.03
C LEU A 7 -0.16 5.93 -23.70
N LYS A 8 -0.98 5.78 -22.66
CA LYS A 8 -0.56 5.40 -21.32
C LYS A 8 -1.21 4.06 -20.94
N ILE A 9 -0.45 3.22 -20.25
CA ILE A 9 -0.95 1.95 -19.77
C ILE A 9 -0.52 1.86 -18.31
N GLU A 10 -1.48 1.77 -17.38
CA GLU A 10 -1.18 1.82 -15.94
C GLU A 10 -2.00 0.77 -15.21
N LYS A 11 -1.34 0.01 -14.33
CA LYS A 11 -2.04 -1.01 -13.56
C LYS A 11 -3.04 -0.40 -12.60
N LEU A 12 -4.26 -0.92 -12.59
CA LEU A 12 -5.34 -0.44 -11.72
C LEU A 12 -5.53 -1.38 -10.55
N ASP A 13 -5.50 -2.68 -10.83
CA ASP A 13 -5.65 -3.71 -9.81
C ASP A 13 -5.06 -4.98 -10.37
N GLU A 14 -5.06 -6.05 -9.59
CA GLU A 14 -4.52 -7.32 -10.10
C GLU A 14 -5.29 -7.76 -11.33
N GLY A 15 -4.56 -7.87 -12.44
CA GLY A 15 -5.14 -8.33 -13.71
C GLY A 15 -5.94 -7.29 -14.46
N VAL A 16 -5.83 -6.03 -14.07
CA VAL A 16 -6.64 -4.99 -14.69
C VAL A 16 -5.78 -3.74 -14.89
N TYR A 17 -5.64 -3.33 -16.14
CA TYR A 17 -4.92 -2.16 -16.53
C TYR A 17 -5.89 -1.13 -17.11
N VAL A 18 -5.52 0.14 -16.94
CA VAL A 18 -6.21 1.25 -17.60
C VAL A 18 -5.35 1.73 -18.76
N HIS A 19 -5.94 1.74 -19.95
CA HIS A 19 -5.27 2.37 -21.10
C HIS A 19 -5.89 3.72 -21.34
N THR A 20 -5.05 4.70 -21.57
CA THR A 20 -5.49 6.06 -21.87
C THR A 20 -4.94 6.56 -23.19
N SER A 21 -5.85 6.95 -24.10
CA SER A 21 -5.47 7.54 -25.36
C SER A 21 -6.12 8.91 -25.45
N PHE A 22 -5.67 9.71 -26.41
CA PHE A 22 -5.99 11.15 -26.44
C PHE A 22 -6.34 11.57 -27.85
N GLU A 23 -7.35 12.42 -27.98
CA GLU A 23 -7.70 12.98 -29.28
C GLU A 23 -8.27 14.37 -29.09
N GLU A 24 -7.94 15.27 -30.00
CA GLU A 24 -8.50 16.62 -30.02
C GLU A 24 -9.95 16.54 -30.50
N VAL A 25 -10.89 17.05 -29.72
CA VAL A 25 -12.28 17.12 -30.14
C VAL A 25 -12.76 18.56 -29.91
N ASN A 26 -13.11 19.25 -31.00
CA ASN A 26 -13.49 20.67 -30.96
C ASN A 26 -14.46 20.99 -29.82
N GLY A 27 -14.13 22.02 -29.05
CA GLY A 27 -14.90 22.41 -27.88
C GLY A 27 -14.26 21.92 -26.60
N TRP A 28 -13.73 20.69 -26.61
CA TRP A 28 -13.17 20.09 -25.40
C TRP A 28 -11.64 20.22 -25.29
N GLY A 29 -10.95 20.55 -26.38
CA GLY A 29 -9.48 20.48 -26.39
C GLY A 29 -9.06 19.02 -26.51
N VAL A 30 -7.95 18.66 -25.91
CA VAL A 30 -7.49 17.28 -25.94
C VAL A 30 -8.28 16.48 -24.89
N VAL A 31 -8.90 15.41 -25.32
CA VAL A 31 -9.76 14.58 -24.48
C VAL A 31 -9.02 13.30 -24.12
N PRO A 32 -8.75 13.07 -22.84
CA PRO A 32 -8.29 11.71 -22.47
C PRO A 32 -9.44 10.72 -22.48
N LYS A 33 -9.18 9.51 -22.99
CA LYS A 33 -10.16 8.44 -23.00
C LYS A 33 -9.55 7.21 -22.34
N HIS A 34 -10.17 6.76 -21.25
CA HIS A 34 -9.76 5.59 -20.50
C HIS A 34 -10.54 4.35 -20.96
N GLY A 35 -9.83 3.25 -21.17
CA GLY A 35 -10.43 1.92 -21.31
C GLY A 35 -9.66 0.98 -20.42
N LEU A 36 -9.99 -0.31 -20.47
CA LEU A 36 -9.26 -1.31 -19.67
C LEU A 36 -8.62 -2.39 -20.52
N VAL A 37 -7.63 -3.05 -19.94
CA VAL A 37 -7.19 -4.34 -20.41
C VAL A 37 -7.32 -5.30 -19.23
N VAL A 38 -8.01 -6.42 -19.45
CA VAL A 38 -8.26 -7.42 -18.41
C VAL A 38 -7.47 -8.68 -18.78
N LEU A 39 -6.69 -9.20 -17.84
CA LEU A 39 -5.80 -10.32 -18.07
C LEU A 39 -6.27 -11.52 -17.28
N VAL A 40 -6.46 -12.61 -18.01
CA VAL A 40 -6.87 -13.86 -17.46
C VAL A 40 -5.97 -14.92 -18.10
N ASN A 41 -5.08 -15.49 -17.29
CA ASN A 41 -4.32 -16.66 -17.69
C ASN A 41 -3.56 -16.45 -18.98
N ALA A 42 -2.67 -15.47 -18.95
CA ALA A 42 -1.84 -15.11 -20.08
C ALA A 42 -2.63 -14.65 -21.32
N GLU A 43 -3.90 -14.28 -21.17
CA GLU A 43 -4.68 -13.72 -22.29
C GLU A 43 -5.28 -12.38 -21.91
N ALA A 44 -5.40 -11.49 -22.90
CA ALA A 44 -5.84 -10.10 -22.67
C ALA A 44 -7.12 -9.79 -23.40
N TYR A 45 -8.04 -9.13 -22.71
CA TYR A 45 -9.25 -8.62 -23.32
C TYR A 45 -9.22 -7.09 -23.25
N LEU A 46 -9.46 -6.44 -24.38
CA LEU A 46 -9.54 -4.98 -24.44
C LEU A 46 -10.95 -4.51 -24.17
N ILE A 47 -11.11 -3.60 -23.21
CA ILE A 47 -12.39 -3.06 -22.86
C ILE A 47 -12.30 -1.64 -23.39
N ASP A 48 -12.97 -1.46 -24.52
CA ASP A 48 -12.80 -0.32 -25.42
C ASP A 48 -11.44 -0.32 -26.13
N THR A 49 -11.45 0.23 -27.34
CA THR A 49 -10.25 0.47 -28.11
C THR A 49 -9.90 1.94 -28.04
N PRO A 50 -8.61 2.28 -28.18
CA PRO A 50 -8.21 3.66 -28.41
C PRO A 50 -8.88 4.29 -29.64
N PHE A 51 -8.72 5.60 -29.77
CA PHE A 51 -9.30 6.37 -30.87
C PHE A 51 -8.78 5.92 -32.24
N THR A 52 -7.54 5.41 -32.30
CA THR A 52 -6.85 5.22 -33.59
C THR A 52 -6.28 3.83 -33.75
N ALA A 53 -6.05 3.45 -34.99
CA ALA A 53 -5.29 2.23 -35.28
C ALA A 53 -3.90 2.26 -34.67
N LYS A 54 -3.22 3.40 -34.78
CA LYS A 54 -1.87 3.48 -34.21
C LYS A 54 -1.81 3.17 -32.72
N ASP A 55 -2.70 3.76 -31.94
CA ASP A 55 -2.68 3.51 -30.50
C ASP A 55 -3.22 2.13 -30.13
N THR A 56 -4.15 1.60 -30.92
CA THR A 56 -4.59 0.21 -30.76
C THR A 56 -3.42 -0.74 -30.98
N GLU A 57 -2.63 -0.53 -32.03
CA GLU A 57 -1.44 -1.37 -32.24
C GLU A 57 -0.44 -1.24 -31.11
N LYS A 58 -0.24 -0.03 -30.64
CA LYS A 58 0.71 0.17 -29.52
C LYS A 58 0.25 -0.60 -28.28
N LEU A 59 -1.05 -0.52 -28.02
CA LEU A 59 -1.66 -1.23 -26.89
C LEU A 59 -1.50 -2.74 -27.01
N VAL A 60 -1.87 -3.27 -28.17
CA VAL A 60 -1.77 -4.70 -28.44
C VAL A 60 -0.31 -5.15 -28.25
N THR A 61 0.61 -4.42 -28.86
CA THR A 61 2.01 -4.82 -28.84
C THR A 61 2.62 -4.86 -27.44
N TRP A 62 2.24 -3.90 -26.62
CA TRP A 62 2.70 -3.81 -25.23
C TRP A 62 2.38 -5.11 -24.49
N PHE A 63 1.15 -5.60 -24.65
CA PHE A 63 0.73 -6.85 -24.03
C PHE A 63 1.32 -8.08 -24.72
N VAL A 64 1.35 -8.07 -26.06
CA VAL A 64 1.95 -9.20 -26.79
C VAL A 64 3.41 -9.38 -26.39
N GLU A 65 4.16 -8.29 -26.31
CA GLU A 65 5.57 -8.38 -25.93
C GLU A 65 5.82 -8.84 -24.50
N ARG A 66 4.77 -8.79 -23.66
CA ARG A 66 4.84 -9.26 -22.27
C ARG A 66 4.23 -10.65 -22.08
N GLY A 67 4.02 -11.38 -23.17
CA GLY A 67 3.57 -12.77 -23.12
C GLY A 67 2.08 -13.00 -23.27
N TYR A 68 1.30 -11.95 -23.51
CA TYR A 68 -0.14 -12.10 -23.54
C TYR A 68 -0.66 -12.26 -24.95
N LYS A 69 -1.64 -13.13 -25.08
CA LYS A 69 -2.34 -13.32 -26.33
C LYS A 69 -3.61 -12.45 -26.25
N ILE A 70 -3.87 -11.65 -27.28
CA ILE A 70 -5.07 -10.81 -27.32
C ILE A 70 -6.26 -11.66 -27.73
N LYS A 71 -7.19 -11.88 -26.81
CA LYS A 71 -8.34 -12.75 -27.07
C LYS A 71 -9.49 -12.02 -27.74
N GLY A 72 -9.65 -10.73 -27.45
CA GLY A 72 -10.74 -9.99 -28.07
C GLY A 72 -10.83 -8.58 -27.52
N SER A 73 -11.66 -7.77 -28.14
CA SER A 73 -12.02 -6.46 -27.63
C SER A 73 -13.52 -6.39 -27.53
N ILE A 74 -14.01 -5.58 -26.60
CA ILE A 74 -15.41 -5.23 -26.54
C ILE A 74 -15.51 -3.72 -26.48
N SER A 75 -16.42 -3.14 -27.28
CA SER A 75 -16.63 -1.68 -27.35
C SER A 75 -17.94 -1.27 -26.66
N SER A 76 -17.84 -0.28 -25.78
CA SER A 76 -18.95 0.13 -24.89
C SER A 76 -20.01 0.96 -25.58
N HIS A 77 -19.63 1.61 -26.67
CA HIS A 77 -20.59 2.31 -27.50
C HIS A 77 -19.94 2.66 -28.84
N PHE A 78 -20.73 3.19 -29.77
CA PHE A 78 -20.25 3.29 -31.17
C PHE A 78 -19.26 4.40 -31.43
N HIS A 79 -19.24 5.43 -30.59
CA HIS A 79 -18.28 6.52 -30.77
C HIS A 79 -16.83 6.02 -30.93
N SER A 80 -16.03 6.78 -31.70
CA SER A 80 -14.68 6.37 -32.06
C SER A 80 -13.74 6.21 -30.86
N GLU A 81 -13.99 6.98 -29.81
CA GLU A 81 -13.28 6.83 -28.53
C GLU A 81 -13.33 5.40 -27.98
N SER A 82 -14.34 4.62 -28.37
CA SER A 82 -14.48 3.23 -27.93
C SER A 82 -14.32 2.20 -29.05
N THR A 83 -14.47 2.62 -30.32
CA THR A 83 -14.44 1.72 -31.45
C THR A 83 -13.34 2.00 -32.49
N GLY A 84 -12.52 3.01 -32.26
CA GLY A 84 -11.48 3.41 -33.22
C GLY A 84 -10.49 2.34 -33.64
N GLY A 85 -10.33 1.30 -32.83
CA GLY A 85 -9.40 0.23 -33.08
C GLY A 85 -10.00 -1.02 -33.72
N ILE A 86 -11.32 -1.05 -33.85
CA ILE A 86 -12.02 -2.24 -34.41
C ILE A 86 -11.45 -2.60 -35.79
N GLU A 87 -11.27 -1.61 -36.67
CA GLU A 87 -10.72 -1.86 -38.03
C GLU A 87 -9.40 -2.57 -37.96
N TRP A 88 -8.50 -2.04 -37.12
CA TRP A 88 -7.18 -2.62 -36.98
C TRP A 88 -7.26 -4.02 -36.43
N LEU A 89 -8.03 -4.21 -35.36
CA LEU A 89 -8.15 -5.53 -34.75
C LEU A 89 -8.71 -6.57 -35.74
N ASN A 90 -9.78 -6.19 -36.45
CA ASN A 90 -10.37 -7.07 -37.47
C ASN A 90 -9.34 -7.42 -38.53
N SER A 91 -8.49 -6.45 -38.88
CA SER A 91 -7.43 -6.67 -39.88
C SER A 91 -6.32 -7.63 -39.41
N ARG A 92 -6.19 -7.82 -38.10
CA ARG A 92 -5.23 -8.75 -37.52
C ARG A 92 -5.92 -10.05 -37.07
N SER A 93 -7.17 -10.22 -37.48
CA SER A 93 -8.00 -11.35 -37.13
C SER A 93 -8.12 -11.53 -35.61
N ILE A 94 -8.19 -10.41 -34.89
CA ILE A 94 -8.43 -10.47 -33.44
C ILE A 94 -9.93 -10.25 -33.24
N PRO A 95 -10.61 -11.18 -32.54
CA PRO A 95 -12.07 -11.02 -32.42
C PRO A 95 -12.50 -9.70 -31.77
N THR A 96 -13.51 -9.05 -32.34
CA THR A 96 -14.08 -7.83 -31.80
C THR A 96 -15.55 -8.06 -31.48
N TYR A 97 -16.00 -7.46 -30.38
CA TYR A 97 -17.39 -7.53 -29.91
C TYR A 97 -17.99 -6.17 -29.73
N ALA A 98 -19.27 -6.09 -30.05
CA ALA A 98 -20.08 -4.94 -29.77
C ALA A 98 -21.52 -5.42 -29.75
N SER A 99 -22.38 -4.67 -29.10
CA SER A 99 -23.78 -5.05 -29.05
C SER A 99 -24.39 -4.90 -30.45
N GLU A 100 -25.55 -5.53 -30.64
CA GLU A 100 -26.29 -5.36 -31.89
C GLU A 100 -26.58 -3.92 -32.16
N LEU A 101 -26.96 -3.18 -31.10
CA LEU A 101 -27.26 -1.79 -31.20
C LEU A 101 -26.06 -0.94 -31.66
N THR A 102 -24.91 -1.21 -31.06
CA THR A 102 -23.67 -0.57 -31.44
C THR A 102 -23.34 -0.85 -32.91
N ASN A 103 -23.43 -2.10 -33.34
CA ASN A 103 -23.09 -2.43 -34.73
C ASN A 103 -23.98 -1.73 -35.74
N GLU A 104 -25.26 -1.57 -35.39
CA GLU A 104 -26.20 -0.91 -36.25
C GLU A 104 -25.89 0.57 -36.35
N LEU A 105 -25.50 1.20 -35.24
CA LEU A 105 -25.08 2.60 -35.27
C LEU A 105 -23.75 2.78 -36.02
N LEU A 106 -22.83 1.84 -35.91
CA LEU A 106 -21.61 1.86 -36.73
C LEU A 106 -21.95 1.75 -38.24
N LYS A 107 -22.74 0.74 -38.60
CA LYS A 107 -23.17 0.51 -39.98
C LYS A 107 -23.78 1.77 -40.55
N LYS A 108 -24.70 2.36 -39.80
CA LYS A 108 -25.38 3.56 -40.23
C LYS A 108 -24.41 4.71 -40.46
N ASP A 109 -23.36 4.79 -39.65
CA ASP A 109 -22.32 5.82 -39.80
C ASP A 109 -21.24 5.53 -40.84
N GLY A 110 -21.34 4.43 -41.57
CA GLY A 110 -20.30 4.05 -42.53
C GLY A 110 -19.00 3.61 -41.85
N LYS A 111 -19.14 2.97 -40.69
CA LYS A 111 -18.00 2.48 -39.91
C LYS A 111 -17.99 0.99 -39.88
N VAL A 112 -16.77 0.45 -39.82
CA VAL A 112 -16.57 -0.97 -39.75
C VAL A 112 -17.13 -1.52 -38.44
N GLN A 113 -17.81 -2.65 -38.55
CA GLN A 113 -18.50 -3.23 -37.42
C GLN A 113 -17.65 -4.26 -36.71
N ALA A 114 -18.00 -4.52 -35.45
CA ALA A 114 -17.41 -5.64 -34.72
C ALA A 114 -17.82 -6.93 -35.39
N THR A 115 -16.93 -7.91 -35.30
CA THR A 115 -17.12 -9.23 -35.90
C THR A 115 -18.14 -10.06 -35.12
N ASN A 116 -18.26 -9.81 -33.82
CA ASN A 116 -19.13 -10.59 -32.95
C ASN A 116 -20.10 -9.65 -32.28
N SER A 117 -21.37 -10.04 -32.19
CA SER A 117 -22.32 -9.17 -31.53
C SER A 117 -23.15 -9.92 -30.51
N PHE A 118 -23.91 -9.18 -29.73
CA PHE A 118 -24.64 -9.76 -28.62
C PHE A 118 -25.80 -8.85 -28.34
N SER A 119 -26.72 -9.33 -27.51
CA SER A 119 -27.82 -8.49 -27.11
C SER A 119 -28.29 -8.94 -25.74
N GLY A 120 -29.34 -8.29 -25.26
CA GLY A 120 -29.93 -8.64 -23.99
C GLY A 120 -29.46 -7.68 -22.91
N VAL A 121 -29.98 -7.86 -21.70
CA VAL A 121 -29.62 -7.02 -20.58
C VAL A 121 -28.17 -7.27 -20.19
N ASN A 122 -27.77 -8.54 -20.14
CA ASN A 122 -26.42 -8.90 -19.81
C ASN A 122 -25.87 -10.00 -20.69
N TYR A 123 -24.56 -9.94 -20.91
CA TYR A 123 -23.86 -10.88 -21.77
C TYR A 123 -22.53 -11.17 -21.13
N TRP A 124 -22.22 -12.44 -20.90
CA TRP A 124 -20.95 -12.83 -20.34
C TRP A 124 -19.94 -12.98 -21.45
N LEU A 125 -19.07 -11.99 -21.61
CA LEU A 125 -17.97 -12.11 -22.56
C LEU A 125 -17.04 -13.25 -22.16
N VAL A 126 -16.76 -13.34 -20.87
CA VAL A 126 -16.01 -14.44 -20.31
C VAL A 126 -16.77 -14.89 -19.07
N LYS A 127 -17.23 -16.15 -19.10
CA LYS A 127 -18.04 -16.71 -18.02
C LYS A 127 -17.40 -16.46 -16.64
N ASN A 128 -18.20 -15.91 -15.72
CA ASN A 128 -17.78 -15.57 -14.33
C ASN A 128 -16.69 -14.51 -14.18
N LYS A 129 -16.27 -13.86 -15.25
CA LYS A 129 -15.12 -12.94 -15.18
C LYS A 129 -15.33 -11.58 -15.84
N ILE A 130 -16.02 -11.54 -16.98
CA ILE A 130 -16.29 -10.27 -17.69
C ILE A 130 -17.73 -10.26 -18.16
N GLU A 131 -18.52 -9.37 -17.56
CA GLU A 131 -19.94 -9.27 -17.82
C GLU A 131 -20.21 -7.94 -18.50
N VAL A 132 -20.96 -7.99 -19.59
CA VAL A 132 -21.41 -6.80 -20.25
C VAL A 132 -22.86 -6.54 -19.83
N PHE A 133 -23.16 -5.32 -19.41
CA PHE A 133 -24.50 -4.93 -18.95
C PHE A 133 -25.06 -3.71 -19.71
N TYR A 134 -26.31 -3.84 -20.16
CA TYR A 134 -27.00 -2.74 -20.85
C TYR A 134 -28.02 -2.09 -19.94
N PRO A 135 -27.71 -0.88 -19.44
CA PRO A 135 -28.61 -0.23 -18.51
C PRO A 135 -29.80 0.46 -19.21
N GLY A 136 -29.75 0.56 -20.53
CA GLY A 136 -30.71 1.37 -21.27
C GLY A 136 -29.97 2.56 -21.87
N PRO A 137 -30.66 3.34 -22.72
CA PRO A 137 -30.04 4.48 -23.38
C PRO A 137 -29.65 5.58 -22.40
N GLY A 138 -28.62 6.33 -22.75
CA GLY A 138 -28.18 7.46 -21.96
C GLY A 138 -27.31 8.41 -22.76
N HIS A 139 -25.99 8.33 -22.53
CA HIS A 139 -25.01 9.02 -23.34
C HIS A 139 -25.20 8.77 -24.83
N THR A 140 -25.44 7.52 -25.17
CA THR A 140 -25.86 7.11 -26.50
C THR A 140 -26.99 6.10 -26.39
N PRO A 141 -27.61 5.73 -27.53
CA PRO A 141 -28.67 4.74 -27.47
C PRO A 141 -28.21 3.34 -27.06
N ASP A 142 -26.94 3.05 -27.32
CA ASP A 142 -26.36 1.71 -27.26
C ASP A 142 -25.40 1.50 -26.08
N ASN A 143 -25.20 2.52 -25.24
CA ASN A 143 -24.11 2.46 -24.26
C ASN A 143 -24.23 1.26 -23.31
N VAL A 144 -23.16 0.49 -23.20
CA VAL A 144 -23.08 -0.60 -22.24
C VAL A 144 -21.93 -0.38 -21.27
N VAL A 145 -21.97 -1.10 -20.15
CA VAL A 145 -20.89 -1.09 -19.17
C VAL A 145 -20.31 -2.51 -19.05
N VAL A 146 -19.13 -2.63 -18.43
CA VAL A 146 -18.45 -3.89 -18.28
C VAL A 146 -18.06 -4.06 -16.81
N TRP A 147 -18.47 -5.20 -16.25
CA TRP A 147 -18.31 -5.51 -14.83
C TRP A 147 -17.34 -6.65 -14.70
N LEU A 148 -16.43 -6.49 -13.76
CA LEU A 148 -15.42 -7.49 -13.44
C LEU A 148 -15.73 -7.98 -12.01
N PRO A 149 -16.51 -9.07 -11.90
CA PRO A 149 -17.04 -9.44 -10.59
C PRO A 149 -16.00 -9.80 -9.52
N GLU A 150 -14.84 -10.31 -9.90
CA GLU A 150 -13.79 -10.79 -8.98
CA GLU A 150 -13.89 -10.77 -8.89
C GLU A 150 -13.18 -9.59 -8.22
N ARG A 151 -12.79 -8.56 -8.98
CA ARG A 151 -12.21 -7.37 -8.37
C ARG A 151 -13.26 -6.26 -8.07
N LYS A 152 -14.52 -6.50 -8.44
CA LYS A 152 -15.61 -5.55 -8.26
C LYS A 152 -15.30 -4.21 -8.90
N ILE A 153 -14.90 -4.26 -10.16
CA ILE A 153 -14.57 -3.09 -10.94
C ILE A 153 -15.58 -2.93 -12.05
N LEU A 154 -16.17 -1.75 -12.16
CA LEU A 154 -17.16 -1.44 -13.18
C LEU A 154 -16.52 -0.45 -14.16
N PHE A 155 -16.39 -0.86 -15.41
CA PHE A 155 -16.04 0.10 -16.45
C PHE A 155 -17.33 0.73 -16.95
N GLY A 156 -17.46 2.03 -16.66
CA GLY A 156 -18.69 2.78 -16.93
C GLY A 156 -18.68 3.51 -18.25
N GLY A 157 -17.49 3.71 -18.81
CA GLY A 157 -17.32 4.41 -20.07
C GLY A 157 -17.96 5.78 -20.01
N PHE A 159 -21.16 6.48 -20.13
CA PHE A 159 -22.41 6.49 -19.37
C PHE A 159 -22.25 7.17 -17.99
N ILE A 160 -21.08 6.96 -17.36
CA ILE A 160 -20.77 7.53 -16.04
C ILE A 160 -20.24 8.94 -16.23
N LYS A 161 -21.07 9.91 -15.79
CA LYS A 161 -20.85 11.31 -16.05
C LYS A 161 -21.13 12.05 -14.74
N PRO A 162 -20.24 11.91 -13.75
CA PRO A 162 -20.55 12.38 -12.41
C PRO A 162 -20.50 13.91 -12.22
N TYR A 163 -19.92 14.65 -13.17
CA TYR A 163 -19.70 16.10 -13.02
C TYR A 163 -20.48 16.92 -14.04
N GLY A 164 -21.23 16.25 -14.89
CA GLY A 164 -21.89 16.87 -16.03
C GLY A 164 -21.99 15.88 -17.17
N LEU A 165 -23.05 15.99 -17.96
CA LEU A 165 -23.37 14.96 -18.96
C LEU A 165 -22.50 14.99 -20.24
N GLY A 166 -21.87 16.14 -20.53
CA GLY A 166 -21.00 16.23 -21.69
C GLY A 166 -21.75 16.35 -23.01
N ASN A 167 -21.28 15.67 -24.04
CA ASN A 167 -21.88 15.79 -25.38
C ASN A 167 -23.26 15.11 -25.46
N LEU A 168 -24.30 15.92 -25.66
CA LEU A 168 -25.67 15.46 -25.74
C LEU A 168 -26.14 15.12 -27.17
N GLY A 169 -25.24 15.30 -28.14
CA GLY A 169 -25.58 15.07 -29.55
C GLY A 169 -26.25 13.73 -29.83
N ASP A 170 -25.77 12.65 -29.20
CA ASP A 170 -26.37 11.35 -29.43
C ASP A 170 -27.14 10.80 -28.23
N ALA A 171 -27.36 11.66 -27.23
CA ALA A 171 -27.89 11.24 -25.94
C ALA A 171 -29.41 11.09 -25.93
N ASN A 172 -29.90 10.27 -24.99
CA ASN A 172 -31.33 10.11 -24.73
C ASN A 172 -31.59 10.64 -23.32
N ILE A 173 -31.87 11.93 -23.25
CA ILE A 173 -32.00 12.63 -22.00
C ILE A 173 -33.25 12.18 -21.25
N GLU A 174 -34.26 11.71 -21.96
CA GLU A 174 -35.52 11.28 -21.33
C GLU A 174 -35.33 9.93 -20.63
N ALA A 175 -34.51 9.08 -21.23
CA ALA A 175 -34.27 7.72 -20.74
C ALA A 175 -33.13 7.62 -19.72
N TRP A 176 -32.18 8.56 -19.73
CA TRP A 176 -30.94 8.40 -18.95
C TRP A 176 -31.20 8.25 -17.44
N PRO A 177 -32.15 9.03 -16.88
CA PRO A 177 -32.35 8.79 -15.45
C PRO A 177 -32.82 7.36 -15.12
N LYS A 178 -33.71 6.79 -15.92
CA LYS A 178 -34.18 5.42 -15.68
C LYS A 178 -33.02 4.42 -15.85
N SER A 179 -32.22 4.64 -16.88
CA SER A 179 -31.04 3.79 -17.11
C SER A 179 -30.04 3.91 -15.94
N ALA A 180 -29.83 5.11 -15.43
CA ALA A 180 -28.86 5.33 -14.36
C ALA A 180 -29.35 4.75 -13.03
N LYS A 181 -30.66 4.82 -12.78
CA LYS A 181 -31.25 4.17 -11.59
C LYS A 181 -31.04 2.65 -11.63
N LEU A 182 -31.27 2.05 -12.80
CA LEU A 182 -31.06 0.63 -13.00
C LEU A 182 -29.60 0.27 -12.77
N LEU A 183 -28.69 1.04 -13.36
CA LEU A 183 -27.26 0.76 -13.17
C LEU A 183 -26.85 0.83 -11.69
N LYS A 184 -27.32 1.86 -10.99
CA LYS A 184 -27.02 2.04 -9.56
C LYS A 184 -27.53 0.86 -8.73
N SER A 185 -28.75 0.42 -9.04
CA SER A 185 -29.32 -0.75 -8.39
C SER A 185 -28.47 -1.98 -8.61
N LYS A 186 -28.03 -2.16 -9.86
CA LYS A 186 -27.30 -3.37 -10.25
C LYS A 186 -25.90 -3.46 -9.64
N TYR A 187 -25.14 -2.36 -9.69
CA TYR A 187 -23.72 -2.41 -9.34
C TYR A 187 -23.32 -1.53 -8.14
N GLY A 188 -24.24 -1.34 -7.21
CA GLY A 188 -23.97 -0.56 -5.99
C GLY A 188 -22.83 -1.15 -5.16
N LYS A 189 -22.57 -2.44 -5.39
CA LYS A 189 -21.46 -3.18 -4.78
C LYS A 189 -20.07 -2.88 -5.41
N ALA A 190 -20.02 -2.05 -6.43
CA ALA A 190 -18.74 -1.80 -7.11
C ALA A 190 -17.73 -1.19 -6.13
N LYS A 191 -16.49 -1.66 -6.16
CA LYS A 191 -15.40 -1.04 -5.40
C LYS A 191 -14.83 0.12 -6.19
N LEU A 192 -14.64 -0.08 -7.48
CA LEU A 192 -14.10 0.95 -8.36
C LEU A 192 -15.04 1.10 -9.55
N VAL A 193 -15.21 2.34 -9.97
CA VAL A 193 -15.99 2.74 -11.13
C VAL A 193 -15.07 3.61 -11.98
N VAL A 194 -14.87 3.19 -13.22
CA VAL A 194 -13.93 3.77 -14.15
C VAL A 194 -14.72 4.50 -15.25
N PRO A 195 -14.78 5.83 -15.18
CA PRO A 195 -15.35 6.56 -16.28
C PRO A 195 -14.36 6.78 -17.43
N SER A 196 -14.89 7.22 -18.56
CA SER A 196 -14.07 7.47 -19.76
C SER A 196 -13.09 8.66 -19.66
N HIS A 197 -13.51 9.77 -19.06
CA HIS A 197 -12.78 11.03 -19.21
C HIS A 197 -12.30 11.71 -17.92
N SER A 198 -12.46 11.04 -16.80
CA SER A 198 -12.12 11.58 -15.50
C SER A 198 -11.58 10.43 -14.65
N GLU A 199 -11.19 10.74 -13.43
CA GLU A 199 -10.47 9.81 -12.55
CA GLU A 199 -10.46 9.79 -12.62
C GLU A 199 -11.36 8.68 -12.02
N VAL A 200 -10.74 7.55 -11.70
CA VAL A 200 -11.44 6.43 -11.12
C VAL A 200 -12.02 6.83 -9.78
N GLY A 201 -13.23 6.37 -9.50
CA GLY A 201 -13.86 6.63 -8.20
C GLY A 201 -14.47 5.35 -7.67
N ASP A 202 -15.31 5.49 -6.66
CA ASP A 202 -15.99 4.36 -6.08
C ASP A 202 -17.46 4.36 -6.48
N ALA A 203 -18.32 3.60 -5.78
CA ALA A 203 -19.74 3.50 -6.21
C ALA A 203 -20.50 4.83 -6.19
N SER A 204 -19.99 5.84 -5.48
CA SER A 204 -20.64 7.18 -5.48
C SER A 204 -20.80 7.77 -6.88
N LEU A 205 -19.94 7.36 -7.84
CA LEU A 205 -20.07 7.84 -9.22
C LEU A 205 -21.40 7.43 -9.86
N LEU A 206 -21.98 6.34 -9.38
CA LEU A 206 -23.25 5.88 -9.87
C LEU A 206 -24.35 6.84 -9.45
N LYS A 207 -24.32 7.27 -8.19
CA LYS A 207 -25.34 8.22 -7.69
C LYS A 207 -25.18 9.59 -8.32
N LEU A 208 -23.94 10.04 -8.43
CA LEU A 208 -23.62 11.32 -9.05
C LEU A 208 -24.09 11.36 -10.48
N THR A 209 -23.89 10.27 -11.24
CA THR A 209 -24.40 10.17 -12.60
C THR A 209 -25.95 10.25 -12.66
N LEU A 210 -26.61 9.49 -11.81
CA LEU A 210 -28.06 9.58 -11.72
C LEU A 210 -28.52 11.02 -11.47
N GLU A 211 -27.87 11.70 -10.55
CA GLU A 211 -28.23 13.09 -10.22
C GLU A 211 -28.04 14.01 -11.40
N GLN A 212 -26.94 13.82 -12.13
CA GLN A 212 -26.69 14.63 -13.32
C GLN A 212 -27.71 14.36 -14.40
N ALA A 213 -28.12 13.10 -14.56
CA ALA A 213 -29.13 12.74 -15.56
C ALA A 213 -30.50 13.36 -15.23
N VAL A 214 -30.90 13.29 -13.97
CA VAL A 214 -32.15 13.91 -13.52
C VAL A 214 -32.14 15.41 -13.78
N LYS A 215 -31.07 16.06 -13.33
CA LYS A 215 -30.88 17.50 -13.52
C LYS A 215 -30.95 17.87 -15.00
N GLY A 216 -30.32 17.07 -15.86
CA GLY A 216 -30.33 17.32 -17.30
C GLY A 216 -31.69 17.15 -17.97
N LEU A 217 -32.45 16.17 -17.49
CA LEU A 217 -33.81 15.97 -17.96
C LEU A 217 -34.68 17.16 -17.54
N ASN A 218 -34.58 17.55 -16.26
CA ASN A 218 -35.39 18.65 -15.72
C ASN A 218 -35.08 19.98 -16.40
N GLU A 219 -33.86 20.13 -16.91
CA GLU A 219 -33.50 21.32 -17.68
C GLU A 219 -33.88 21.28 -19.16
N SER A 220 -34.27 20.13 -19.70
CA SER A 220 -34.62 20.03 -21.12
C SER A 220 -36.09 20.43 -21.43
N SER B 3 -3.43 -28.32 20.44
CA SER B 3 -4.11 -27.17 19.78
C SER B 3 -3.12 -26.15 19.19
N LEU B 4 -2.86 -26.30 17.90
CA LEU B 4 -1.90 -25.42 17.19
C LEU B 4 -2.54 -24.11 16.79
N PRO B 5 -1.74 -23.03 16.69
CA PRO B 5 -2.30 -21.78 16.16
C PRO B 5 -2.89 -21.95 14.75
N ASP B 6 -3.91 -21.18 14.45
CA ASP B 6 -4.54 -21.22 13.13
C ASP B 6 -3.61 -20.67 12.05
N LEU B 7 -3.74 -21.23 10.85
CA LEU B 7 -3.20 -20.63 9.65
C LEU B 7 -3.51 -19.13 9.64
N LYS B 8 -2.50 -18.32 9.34
CA LYS B 8 -2.58 -16.87 9.22
C LYS B 8 -2.22 -16.46 7.79
N ILE B 9 -2.95 -15.48 7.27
CA ILE B 9 -2.66 -14.97 5.94
C ILE B 9 -2.68 -13.47 6.11
N GLU B 10 -1.59 -12.80 5.80
CA GLU B 10 -1.63 -11.35 5.81
C GLU B 10 -0.80 -10.68 4.75
N LYS B 11 -1.36 -9.58 4.28
CA LYS B 11 -0.80 -8.91 3.13
C LYS B 11 0.50 -8.25 3.49
N LEU B 12 1.52 -8.46 2.65
CA LEU B 12 2.83 -7.90 2.84
C LEU B 12 3.08 -6.71 1.95
N ASP B 13 2.61 -6.79 0.70
CA ASP B 13 2.84 -5.73 -0.30
C ASP B 13 1.82 -5.95 -1.40
N GLU B 14 1.77 -5.04 -2.36
CA GLU B 14 0.95 -5.21 -3.52
C GLU B 14 1.13 -6.61 -4.11
N GLY B 15 0.06 -7.38 -4.20
CA GLY B 15 0.10 -8.72 -4.78
C GLY B 15 0.88 -9.80 -4.05
N VAL B 16 1.22 -9.56 -2.80
CA VAL B 16 2.06 -10.48 -2.06
C VAL B 16 1.54 -10.64 -0.65
N TYR B 17 1.25 -11.90 -0.26
CA TYR B 17 0.79 -12.21 1.07
C TYR B 17 1.78 -13.17 1.74
N VAL B 18 1.85 -13.10 3.05
CA VAL B 18 2.59 -14.08 3.85
C VAL B 18 1.59 -15.03 4.47
N HIS B 19 1.79 -16.34 4.24
CA HIS B 19 1.06 -17.33 4.99
C HIS B 19 1.92 -17.94 6.08
N THR B 20 1.33 -18.14 7.25
CA THR B 20 2.04 -18.69 8.39
C THR B 20 1.29 -19.89 8.94
N SER B 21 1.97 -21.02 9.00
CA SER B 21 1.42 -22.23 9.55
C SER B 21 2.34 -22.66 10.65
N PHE B 22 1.86 -23.56 11.48
CA PHE B 22 2.53 -23.87 12.73
C PHE B 22 2.62 -25.34 12.97
N GLU B 23 3.75 -25.79 13.51
CA GLU B 23 3.90 -27.21 13.86
C GLU B 23 4.81 -27.36 15.05
N GLU B 24 4.47 -28.31 15.92
CA GLU B 24 5.29 -28.62 17.09
C GLU B 24 6.48 -29.43 16.60
N VAL B 25 7.68 -28.92 16.81
CA VAL B 25 8.88 -29.66 16.45
C VAL B 25 9.74 -29.77 17.72
N ASN B 26 10.08 -31.02 18.05
CA ASN B 26 10.71 -31.35 19.33
C ASN B 26 12.06 -30.65 19.54
N GLY B 27 12.14 -29.87 20.61
CA GLY B 27 13.27 -28.99 20.87
C GLY B 27 12.89 -27.53 20.71
N TRP B 28 12.12 -27.23 19.66
CA TRP B 28 11.82 -25.83 19.29
C TRP B 28 10.50 -25.30 19.86
N GLY B 29 9.61 -26.18 20.32
CA GLY B 29 8.25 -25.80 20.71
C GLY B 29 7.41 -25.67 19.45
N VAL B 30 6.41 -24.80 19.47
CA VAL B 30 5.63 -24.53 18.27
C VAL B 30 6.45 -23.61 17.37
N VAL B 31 6.67 -24.06 16.13
CA VAL B 31 7.47 -23.35 15.13
C VAL B 31 6.58 -22.64 14.13
N PRO B 32 6.61 -21.29 14.07
CA PRO B 32 5.91 -20.70 12.94
C PRO B 32 6.72 -20.83 11.65
N LYS B 33 6.03 -21.07 10.54
CA LYS B 33 6.65 -21.20 9.24
C LYS B 33 5.96 -20.25 8.26
N HIS B 34 6.73 -19.32 7.69
CA HIS B 34 6.22 -18.34 6.73
C HIS B 34 6.50 -18.77 5.29
N GLY B 35 5.49 -18.66 4.43
CA GLY B 35 5.65 -18.73 2.98
C GLY B 35 4.92 -17.55 2.40
N LEU B 36 4.84 -17.49 1.07
CA LEU B 36 4.11 -16.44 0.39
C LEU B 36 3.03 -16.96 -0.52
N VAL B 37 2.07 -16.10 -0.81
CA VAL B 37 1.21 -16.25 -1.96
C VAL B 37 1.41 -15.01 -2.83
N VAL B 38 1.71 -15.24 -4.09
CA VAL B 38 1.96 -14.18 -5.05
C VAL B 38 0.85 -14.18 -6.09
N LEU B 39 0.23 -13.02 -6.27
CA LEU B 39 -0.83 -12.84 -7.25
C LEU B 39 -0.24 -12.45 -8.62
N VAL B 40 -0.71 -13.12 -9.64
CA VAL B 40 -0.39 -12.80 -11.03
C VAL B 40 -1.74 -12.80 -11.74
N ASN B 41 -2.28 -11.60 -11.97
CA ASN B 41 -3.52 -11.41 -12.69
C ASN B 41 -4.72 -12.04 -12.01
N ALA B 42 -5.37 -13.02 -12.63
CA ALA B 42 -6.48 -13.71 -11.95
C ALA B 42 -6.04 -15.07 -11.37
N GLU B 43 -4.75 -15.18 -11.07
CA GLU B 43 -4.13 -16.43 -10.61
C GLU B 43 -3.23 -16.16 -9.39
N ALA B 44 -2.94 -17.20 -8.64
CA ALA B 44 -2.05 -17.10 -7.48
C ALA B 44 -1.07 -18.26 -7.47
N TYR B 45 0.10 -18.00 -6.95
CA TYR B 45 1.14 -19.00 -6.79
C TYR B 45 1.54 -19.09 -5.32
N LEU B 46 1.68 -20.32 -4.83
CA LEU B 46 2.13 -20.56 -3.48
C LEU B 46 3.65 -20.68 -3.45
N ILE B 47 4.28 -19.87 -2.60
CA ILE B 47 5.71 -19.95 -2.40
C ILE B 47 5.88 -20.63 -1.07
N ASP B 48 6.25 -21.92 -1.15
CA ASP B 48 6.12 -22.91 -0.09
C ASP B 48 4.68 -23.24 0.26
N THR B 49 4.50 -24.51 0.64
CA THR B 49 3.25 -24.96 1.18
C THR B 49 3.33 -25.07 2.69
N PRO B 50 2.16 -24.90 3.35
CA PRO B 50 2.09 -25.24 4.77
C PRO B 50 2.50 -26.67 5.08
N PHE B 51 2.66 -26.93 6.37
CA PHE B 51 3.01 -28.24 6.88
C PHE B 51 2.06 -29.37 6.50
N THR B 52 0.77 -29.08 6.34
CA THR B 52 -0.27 -30.09 6.27
C THR B 52 -1.18 -29.89 5.07
N ALA B 53 -1.85 -30.96 4.66
CA ALA B 53 -2.96 -30.84 3.71
C ALA B 53 -4.05 -29.90 4.19
N LYS B 54 -4.41 -30.01 5.46
CA LYS B 54 -5.44 -29.15 6.03
C LYS B 54 -5.17 -27.66 5.78
N ASP B 55 -4.00 -27.20 6.17
CA ASP B 55 -3.68 -25.76 6.02
C ASP B 55 -3.44 -25.34 4.57
N THR B 56 -2.95 -26.25 3.74
CA THR B 56 -2.86 -26.02 2.32
C THR B 56 -4.24 -25.81 1.69
N GLU B 57 -5.22 -26.63 2.07
CA GLU B 57 -6.57 -26.45 1.55
C GLU B 57 -7.15 -25.14 2.02
N LYS B 58 -6.90 -24.79 3.28
CA LYS B 58 -7.40 -23.52 3.84
C LYS B 58 -6.85 -22.33 3.05
N LEU B 59 -5.56 -22.42 2.74
CA LEU B 59 -4.83 -21.36 2.03
C LEU B 59 -5.36 -21.23 0.61
N VAL B 60 -5.47 -22.35 -0.09
CA VAL B 60 -5.98 -22.35 -1.45
C VAL B 60 -7.39 -21.77 -1.47
N THR B 61 -8.24 -22.22 -0.56
CA THR B 61 -9.64 -21.82 -0.52
C THR B 61 -9.78 -20.31 -0.27
N TRP B 62 -8.93 -19.76 0.58
CA TRP B 62 -8.97 -18.32 0.89
C TRP B 62 -8.80 -17.50 -0.40
N PHE B 63 -7.85 -17.92 -1.23
CA PHE B 63 -7.57 -17.25 -2.49
C PHE B 63 -8.61 -17.52 -3.55
N VAL B 64 -9.07 -18.77 -3.65
CA VAL B 64 -10.07 -19.14 -4.64
C VAL B 64 -11.36 -18.33 -4.42
N GLU B 65 -11.75 -18.19 -3.17
CA GLU B 65 -12.94 -17.40 -2.82
C GLU B 65 -12.82 -15.90 -3.13
N ARG B 66 -11.59 -15.42 -3.37
CA ARG B 66 -11.35 -14.04 -3.77
C ARG B 66 -11.07 -13.94 -5.27
N GLY B 67 -11.38 -15.01 -5.99
CA GLY B 67 -11.30 -15.05 -7.44
C GLY B 67 -9.97 -15.42 -8.06
N TYR B 68 -9.00 -15.88 -7.26
CA TYR B 68 -7.70 -16.24 -7.79
C TYR B 68 -7.58 -17.74 -7.89
N LYS B 69 -7.47 -18.23 -9.12
CA LYS B 69 -7.15 -19.62 -9.39
C LYS B 69 -5.71 -19.94 -8.96
N ILE B 70 -5.51 -21.05 -8.22
CA ILE B 70 -4.15 -21.46 -7.86
C ILE B 70 -3.46 -22.13 -9.04
N LYS B 71 -2.44 -21.49 -9.59
CA LYS B 71 -1.75 -22.00 -10.79
C LYS B 71 -0.55 -22.87 -10.48
N GLY B 72 0.00 -22.74 -9.28
CA GLY B 72 1.12 -23.59 -8.90
C GLY B 72 1.62 -23.34 -7.51
N SER B 73 2.39 -24.28 -6.99
CA SER B 73 3.20 -24.08 -5.79
C SER B 73 4.65 -24.33 -6.18
N ILE B 74 5.55 -23.60 -5.55
CA ILE B 74 6.97 -23.93 -5.61
C ILE B 74 7.48 -24.11 -4.19
N SER B 75 8.23 -25.20 -3.95
CA SER B 75 8.80 -25.52 -2.64
C SER B 75 10.30 -25.21 -2.58
N SER B 76 10.71 -24.47 -1.56
CA SER B 76 12.07 -23.95 -1.45
C SER B 76 13.09 -24.98 -0.98
N HIS B 77 12.61 -26.01 -0.29
CA HIS B 77 13.46 -27.18 0.06
C HIS B 77 12.58 -28.35 0.44
N PHE B 78 13.19 -29.51 0.69
CA PHE B 78 12.40 -30.72 0.81
C PHE B 78 11.67 -30.90 2.13
N HIS B 79 12.11 -30.20 3.18
CA HIS B 79 11.46 -30.34 4.47
C HIS B 79 9.96 -30.07 4.39
N SER B 80 9.21 -30.73 5.28
CA SER B 80 7.74 -30.71 5.25
C SER B 80 7.17 -29.30 5.50
N GLU B 81 7.92 -28.46 6.21
CA GLU B 81 7.57 -27.03 6.37
C GLU B 81 7.39 -26.29 5.02
N SER B 82 8.00 -26.83 3.95
CA SER B 82 7.93 -26.24 2.61
C SER B 82 7.19 -27.11 1.59
N THR B 83 7.09 -28.41 1.88
CA THR B 83 6.50 -29.36 0.96
C THR B 83 5.28 -30.10 1.46
N GLY B 84 4.82 -29.77 2.66
CA GLY B 84 3.73 -30.49 3.30
C GLY B 84 2.44 -30.57 2.52
N GLY B 85 2.24 -29.63 1.61
CA GLY B 85 1.03 -29.55 0.82
C GLY B 85 1.10 -30.14 -0.57
N ILE B 86 2.30 -30.53 -1.03
CA ILE B 86 2.46 -31.11 -2.36
C ILE B 86 1.48 -32.25 -2.64
N GLU B 87 1.40 -33.20 -1.70
CA GLU B 87 0.47 -34.32 -1.81
C GLU B 87 -0.96 -33.88 -2.10
N TRP B 88 -1.44 -32.91 -1.32
CA TRP B 88 -2.80 -32.41 -1.50
C TRP B 88 -2.95 -31.74 -2.85
N LEU B 89 -2.00 -30.85 -3.19
CA LEU B 89 -2.09 -30.08 -4.43
C LEU B 89 -2.10 -31.01 -5.65
N ASN B 90 -1.21 -31.99 -5.65
CA ASN B 90 -1.20 -33.00 -6.71
C ASN B 90 -2.54 -33.72 -6.82
N SER B 91 -3.17 -34.02 -5.67
CA SER B 91 -4.45 -34.72 -5.65
C SER B 91 -5.58 -33.86 -6.22
N ARG B 92 -5.41 -32.54 -6.20
CA ARG B 92 -6.35 -31.60 -6.81
C ARG B 92 -5.97 -31.22 -8.24
N SER B 93 -4.95 -31.87 -8.79
CA SER B 93 -4.35 -31.51 -10.10
C SER B 93 -3.92 -30.03 -10.19
N ILE B 94 -3.39 -29.49 -9.09
CA ILE B 94 -2.75 -28.18 -9.09
C ILE B 94 -1.26 -28.42 -9.31
N PRO B 95 -0.66 -27.83 -10.36
CA PRO B 95 0.76 -28.00 -10.62
C PRO B 95 1.67 -27.69 -9.40
N THR B 96 2.61 -28.59 -9.13
CA THR B 96 3.57 -28.38 -8.06
C THR B 96 4.94 -28.39 -8.67
N TYR B 97 5.82 -27.52 -8.14
CA TYR B 97 7.18 -27.38 -8.62
C TYR B 97 8.19 -27.51 -7.53
N ALA B 98 9.31 -28.14 -7.84
CA ALA B 98 10.44 -28.18 -6.94
C ALA B 98 11.66 -28.48 -7.77
N SER B 99 12.83 -28.15 -7.26
CA SER B 99 14.05 -28.43 -8.00
C SER B 99 14.27 -29.93 -8.14
N GLU B 100 15.12 -30.27 -9.10
CA GLU B 100 15.52 -31.63 -9.30
C GLU B 100 16.13 -32.18 -8.01
N LEU B 101 16.95 -31.37 -7.32
CA LEU B 101 17.57 -31.80 -6.07
C LEU B 101 16.53 -32.04 -4.97
N THR B 102 15.52 -31.16 -4.91
CA THR B 102 14.47 -31.31 -3.94
C THR B 102 13.70 -32.60 -4.16
N ASN B 103 13.32 -32.87 -5.41
CA ASN B 103 12.55 -34.06 -5.72
C ASN B 103 13.33 -35.34 -5.41
N GLU B 104 14.65 -35.32 -5.64
CA GLU B 104 15.49 -36.48 -5.29
C GLU B 104 15.48 -36.71 -3.78
N LEU B 105 15.58 -35.64 -2.99
CA LEU B 105 15.55 -35.76 -1.52
C LEU B 105 14.19 -36.23 -1.03
N LEU B 106 13.11 -35.73 -1.63
CA LEU B 106 11.75 -36.25 -1.35
C LEU B 106 11.64 -37.77 -1.65
N LYS B 107 12.06 -38.17 -2.84
CA LYS B 107 11.99 -39.61 -3.25
C LYS B 107 12.75 -40.46 -2.25
N LYS B 108 13.95 -40.03 -1.90
CA LYS B 108 14.80 -40.80 -0.99
C LYS B 108 14.14 -40.96 0.36
N ASP B 109 13.43 -39.92 0.81
CA ASP B 109 12.76 -39.94 2.12
C ASP B 109 11.33 -40.54 2.05
N GLY B 110 10.96 -41.13 0.92
CA GLY B 110 9.64 -41.72 0.77
C GLY B 110 8.48 -40.73 0.79
N LYS B 111 8.69 -39.56 0.17
CA LYS B 111 7.68 -38.49 0.12
C LYS B 111 7.28 -38.24 -1.31
N VAL B 112 6.06 -37.78 -1.45
CA VAL B 112 5.50 -37.47 -2.76
C VAL B 112 6.23 -36.30 -3.39
N GLN B 113 6.54 -36.44 -4.67
CA GLN B 113 7.32 -35.44 -5.37
C GLN B 113 6.46 -34.39 -6.06
N ALA B 114 7.07 -33.24 -6.32
CA ALA B 114 6.46 -32.20 -7.17
C ALA B 114 6.31 -32.74 -8.58
N THR B 115 5.22 -32.33 -9.23
CA THR B 115 4.93 -32.80 -10.57
C THR B 115 5.90 -32.24 -11.58
N ASN B 116 6.42 -31.04 -11.33
CA ASN B 116 7.29 -30.33 -12.26
C ASN B 116 8.62 -30.06 -11.58
N SER B 117 9.73 -30.25 -12.29
CA SER B 117 11.03 -29.87 -11.71
C SER B 117 11.87 -28.99 -12.65
N PHE B 118 12.98 -28.51 -12.12
CA PHE B 118 13.83 -27.58 -12.82
C PHE B 118 15.22 -27.73 -12.24
N SER B 119 16.21 -27.20 -12.92
CA SER B 119 17.56 -27.18 -12.39
C SER B 119 18.26 -25.94 -12.89
N GLY B 120 19.52 -25.77 -12.50
CA GLY B 120 20.29 -24.64 -12.97
C GLY B 120 20.27 -23.54 -11.93
N VAL B 121 21.05 -22.51 -12.17
CA VAL B 121 21.21 -21.45 -11.22
C VAL B 121 19.89 -20.69 -11.04
N ASN B 122 19.20 -20.41 -12.14
CA ASN B 122 17.91 -19.77 -12.01
C ASN B 122 16.84 -20.29 -12.94
N TYR B 123 15.60 -20.10 -12.53
CA TYR B 123 14.47 -20.64 -13.22
C TYR B 123 13.29 -19.67 -13.09
N TRP B 124 12.70 -19.30 -14.22
CA TRP B 124 11.51 -18.43 -14.18
C TRP B 124 10.30 -19.30 -14.02
N LEU B 125 9.70 -19.30 -12.84
CA LEU B 125 8.40 -19.96 -12.66
C LEU B 125 7.34 -19.22 -13.48
N VAL B 126 7.34 -17.89 -13.34
CA VAL B 126 6.54 -17.00 -14.18
C VAL B 126 7.46 -15.89 -14.68
N LYS B 127 7.65 -15.82 -16.00
CA LYS B 127 8.60 -14.88 -16.59
C LYS B 127 8.34 -13.44 -16.12
N ASN B 128 9.41 -12.75 -15.71
CA ASN B 128 9.39 -11.40 -15.15
C ASN B 128 8.54 -11.15 -13.90
N LYS B 129 8.10 -12.21 -13.22
CA LYS B 129 7.27 -12.08 -12.04
C LYS B 129 7.79 -12.91 -10.85
N ILE B 130 8.17 -14.16 -11.13
CA ILE B 130 8.60 -15.10 -10.07
C ILE B 130 9.82 -15.88 -10.56
N GLU B 131 10.96 -15.58 -9.95
CA GLU B 131 12.22 -16.17 -10.29
C GLU B 131 12.71 -17.08 -9.14
N VAL B 132 13.20 -18.27 -9.48
CA VAL B 132 13.75 -19.18 -8.52
C VAL B 132 15.27 -19.14 -8.69
N PHE B 133 16.00 -19.02 -7.60
CA PHE B 133 17.46 -18.93 -7.63
C PHE B 133 18.08 -19.95 -6.67
N TYR B 134 19.09 -20.65 -7.15
CA TYR B 134 19.82 -21.63 -6.34
C TYR B 134 21.17 -21.08 -5.95
N PRO B 135 21.35 -20.72 -4.66
CA PRO B 135 22.61 -20.14 -4.25
C PRO B 135 23.70 -21.16 -3.94
N GLY B 136 23.33 -22.43 -3.86
CA GLY B 136 24.22 -23.49 -3.41
C GLY B 136 23.68 -24.06 -2.12
N PRO B 137 24.27 -25.16 -1.64
CA PRO B 137 23.80 -25.84 -0.45
C PRO B 137 23.97 -24.98 0.80
N GLY B 138 23.10 -25.15 1.78
CA GLY B 138 23.25 -24.46 3.07
C GLY B 138 22.48 -25.15 4.16
N HIS B 139 21.32 -24.60 4.49
CA HIS B 139 20.40 -25.24 5.41
C HIS B 139 20.09 -26.68 5.02
N THR B 140 19.86 -26.89 3.72
CA THR B 140 19.76 -28.23 3.11
C THR B 140 20.54 -28.20 1.80
N PRO B 141 20.80 -29.38 1.20
CA PRO B 141 21.57 -29.41 -0.03
C PRO B 141 20.87 -28.73 -1.20
N ASP B 142 19.54 -28.68 -1.14
CA ASP B 142 18.67 -28.30 -2.24
C ASP B 142 18.06 -26.87 -2.08
N ASN B 143 18.35 -26.17 -0.99
CA ASN B 143 17.58 -24.95 -0.72
C ASN B 143 17.69 -23.92 -1.85
N VAL B 144 16.53 -23.41 -2.29
CA VAL B 144 16.41 -22.33 -3.25
C VAL B 144 15.67 -21.16 -2.63
N VAL B 145 15.80 -20.00 -3.26
CA VAL B 145 15.11 -18.77 -2.84
C VAL B 145 14.24 -18.32 -4.02
N VAL B 146 13.29 -17.43 -3.74
CA VAL B 146 12.37 -16.98 -4.75
C VAL B 146 12.38 -15.45 -4.75
N TRP B 147 12.57 -14.87 -5.93
CA TRP B 147 12.70 -13.42 -6.12
C TRP B 147 11.50 -12.91 -6.89
N LEU B 148 10.94 -11.81 -6.40
CA LEU B 148 9.80 -11.15 -7.01
C LEU B 148 10.30 -9.78 -7.53
N PRO B 149 10.77 -9.73 -8.80
CA PRO B 149 11.45 -8.53 -9.31
C PRO B 149 10.60 -7.26 -9.32
N GLU B 150 9.30 -7.38 -9.48
CA GLU B 150 8.44 -6.20 -9.52
C GLU B 150 8.39 -5.53 -8.17
N ARG B 151 8.49 -6.30 -7.10
CA ARG B 151 8.36 -5.81 -5.74
C ARG B 151 9.71 -5.71 -5.02
N LYS B 152 10.73 -6.28 -5.62
CA LYS B 152 12.03 -6.46 -4.99
C LYS B 152 11.94 -7.18 -3.63
N ILE B 153 11.14 -8.23 -3.60
CA ILE B 153 11.01 -9.05 -2.42
C ILE B 153 11.70 -10.38 -2.66
N LEU B 154 12.52 -10.82 -1.70
CA LEU B 154 13.16 -12.12 -1.75
C LEU B 154 12.60 -13.02 -0.66
N PHE B 155 12.03 -14.16 -1.04
CA PHE B 155 11.69 -15.17 -0.09
C PHE B 155 12.92 -16.05 0.11
N GLY B 156 13.50 -15.96 1.29
CA GLY B 156 14.73 -16.66 1.62
C GLY B 156 14.52 -18.04 2.22
N GLY B 157 13.33 -18.27 2.76
CA GLY B 157 13.00 -19.50 3.44
C GLY B 157 13.97 -19.77 4.56
N PHE B 159 17.08 -20.80 4.34
CA PHE B 159 18.46 -20.40 4.04
C PHE B 159 18.79 -19.14 4.82
N ILE B 160 17.82 -18.25 4.98
CA ILE B 160 18.05 -17.00 5.70
C ILE B 160 17.93 -17.27 7.20
N LYS B 161 19.06 -17.11 7.91
CA LYS B 161 19.17 -17.48 9.30
C LYS B 161 19.98 -16.42 10.03
N PRO B 162 19.36 -15.26 10.26
CA PRO B 162 20.14 -14.11 10.70
C PRO B 162 20.55 -14.13 12.17
N TYR B 163 19.91 -14.96 12.98
CA TYR B 163 20.14 -14.98 14.44
C TYR B 163 20.78 -16.27 14.90
N GLY B 164 21.07 -17.17 13.97
CA GLY B 164 21.57 -18.51 14.27
C GLY B 164 21.08 -19.52 13.25
N LEU B 165 21.88 -20.53 12.98
CA LEU B 165 21.62 -21.44 11.85
C LEU B 165 20.48 -22.45 12.04
N GLY B 166 20.11 -22.73 13.29
CA GLY B 166 19.02 -23.67 13.59
C GLY B 166 19.44 -25.10 13.36
N ASN B 167 18.54 -25.89 12.80
CA ASN B 167 18.73 -27.32 12.68
C ASN B 167 19.80 -27.66 11.65
N LEU B 168 20.90 -28.26 12.10
CA LEU B 168 22.02 -28.60 11.22
C LEU B 168 22.01 -30.03 10.65
N GLY B 169 20.92 -30.76 10.89
CA GLY B 169 20.87 -32.19 10.55
C GLY B 169 21.02 -32.46 9.08
N ASP B 170 20.46 -31.59 8.25
CA ASP B 170 20.53 -31.79 6.80
C ASP B 170 21.41 -30.74 6.11
N ALA B 171 22.11 -29.94 6.92
CA ALA B 171 22.84 -28.80 6.42
C ALA B 171 24.18 -29.18 5.82
N ASN B 172 24.65 -28.32 4.92
CA ASN B 172 26.01 -28.38 4.42
C ASN B 172 26.77 -27.16 4.95
N ILE B 173 27.35 -27.31 6.15
CA ILE B 173 28.02 -26.19 6.83
C ILE B 173 29.29 -25.71 6.12
N GLU B 174 29.96 -26.62 5.44
CA GLU B 174 31.18 -26.28 4.70
C GLU B 174 30.88 -25.37 3.49
N ALA B 175 29.73 -25.58 2.86
CA ALA B 175 29.32 -24.82 1.67
C ALA B 175 28.49 -23.57 1.94
N TRP B 176 27.81 -23.52 3.09
CA TRP B 176 26.86 -22.42 3.37
C TRP B 176 27.49 -21.02 3.23
N PRO B 177 28.71 -20.81 3.79
CA PRO B 177 29.27 -19.47 3.57
C PRO B 177 29.45 -19.05 2.11
N LYS B 178 29.93 -19.94 1.25
CA LYS B 178 30.06 -19.64 -0.19
C LYS B 178 28.70 -19.35 -0.82
N SER B 179 27.72 -20.16 -0.47
CA SER B 179 26.33 -20.00 -0.92
C SER B 179 25.75 -18.64 -0.46
N ALA B 180 26.02 -18.28 0.80
CA ALA B 180 25.47 -17.04 1.37
C ALA B 180 26.13 -15.79 0.75
N LYS B 181 27.41 -15.91 0.44
CA LYS B 181 28.11 -14.84 -0.29
C LYS B 181 27.50 -14.62 -1.67
N LEU B 182 27.26 -15.71 -2.39
CA LEU B 182 26.64 -15.65 -3.72
C LEU B 182 25.27 -14.98 -3.61
N LEU B 183 24.47 -15.40 -2.63
CA LEU B 183 23.13 -14.86 -2.47
C LEU B 183 23.19 -13.37 -2.18
N LYS B 184 24.09 -12.96 -1.29
CA LYS B 184 24.24 -11.51 -0.93
C LYS B 184 24.65 -10.66 -2.14
N SER B 185 25.54 -11.22 -2.96
CA SER B 185 25.95 -10.57 -4.20
C SER B 185 24.80 -10.43 -5.21
N LYS B 186 23.97 -11.46 -5.31
CA LYS B 186 22.89 -11.49 -6.29
C LYS B 186 21.73 -10.53 -5.92
N TYR B 187 21.30 -10.57 -4.66
CA TYR B 187 20.07 -9.86 -4.24
C TYR B 187 20.29 -8.75 -3.22
N GLY B 188 21.46 -8.12 -3.24
CA GLY B 188 21.73 -6.97 -2.33
C GLY B 188 20.74 -5.83 -2.54
N LYS B 189 20.14 -5.80 -3.72
CA LYS B 189 19.10 -4.84 -4.09
C LYS B 189 17.72 -5.12 -3.46
N ALA B 190 17.58 -6.24 -2.72
CA ALA B 190 16.28 -6.59 -2.13
C ALA B 190 15.77 -5.51 -1.17
N LYS B 191 14.49 -5.15 -1.31
CA LYS B 191 13.83 -4.26 -0.36
CA LYS B 191 13.77 -4.27 -0.40
C LYS B 191 13.33 -5.03 0.85
N LEU B 192 12.78 -6.22 0.62
CA LEU B 192 12.35 -7.06 1.73
C LEU B 192 12.92 -8.46 1.53
N VAL B 193 13.33 -9.07 2.63
CA VAL B 193 13.82 -10.45 2.69
C VAL B 193 12.97 -11.14 3.74
N VAL B 194 12.32 -12.22 3.31
CA VAL B 194 11.35 -12.97 4.10
C VAL B 194 11.95 -14.31 4.53
N PRO B 195 12.34 -14.42 5.81
CA PRO B 195 12.77 -15.73 6.29
C PRO B 195 11.60 -16.65 6.71
N SER B 196 11.91 -17.91 6.93
CA SER B 196 10.89 -18.89 7.34
C SER B 196 10.33 -18.73 8.76
N HIS B 197 11.18 -18.38 9.74
CA HIS B 197 10.80 -18.52 11.16
C HIS B 197 10.92 -17.24 11.99
N SER B 198 11.13 -16.11 11.33
CA SER B 198 11.32 -14.83 12.02
C SER B 198 10.76 -13.75 11.14
N GLU B 199 10.78 -12.52 11.64
CA GLU B 199 10.14 -11.37 10.99
CA GLU B 199 10.10 -11.43 10.97
C GLU B 199 10.81 -10.96 9.70
N VAL B 200 10.04 -10.35 8.81
CA VAL B 200 10.54 -9.84 7.57
C VAL B 200 11.57 -8.75 7.88
N GLY B 201 12.64 -8.69 7.09
CA GLY B 201 13.60 -7.61 7.23
C GLY B 201 14.02 -7.08 5.88
N ASP B 202 15.11 -6.36 5.89
CA ASP B 202 15.66 -5.80 4.67
C ASP B 202 16.89 -6.61 4.23
N ALA B 203 17.65 -6.06 3.29
CA ALA B 203 18.80 -6.76 2.71
C ALA B 203 19.83 -7.11 3.78
N SER B 204 19.78 -6.43 4.92
CA SER B 204 20.71 -6.72 6.01
C SER B 204 20.68 -8.18 6.45
N LEU B 205 19.54 -8.85 6.25
CA LEU B 205 19.41 -10.26 6.59
C LEU B 205 20.37 -11.15 5.78
N LEU B 206 20.76 -10.69 4.60
CA LEU B 206 21.69 -11.46 3.78
C LEU B 206 23.08 -11.49 4.40
N LYS B 207 23.52 -10.33 4.90
CA LYS B 207 24.83 -10.22 5.55
C LYS B 207 24.86 -10.96 6.88
N LEU B 208 23.80 -10.80 7.67
CA LEU B 208 23.65 -11.50 8.92
C LEU B 208 23.71 -12.99 8.74
N THR B 209 23.07 -13.51 7.69
CA THR B 209 23.13 -14.94 7.38
C THR B 209 24.54 -15.39 7.02
N LEU B 210 25.21 -14.62 6.19
CA LEU B 210 26.59 -14.95 5.82
C LEU B 210 27.44 -15.04 7.08
N GLU B 211 27.29 -14.05 7.98
CA GLU B 211 28.05 -14.06 9.22
C GLU B 211 27.76 -15.26 10.08
N GLN B 212 26.49 -15.66 10.19
CA GLN B 212 26.17 -16.82 10.97
C GLN B 212 26.73 -18.09 10.36
N ALA B 213 26.72 -18.17 9.04
CA ALA B 213 27.28 -19.33 8.32
C ALA B 213 28.79 -19.42 8.53
N VAL B 214 29.47 -18.29 8.42
CA VAL B 214 30.94 -18.26 8.68
C VAL B 214 31.22 -18.74 10.11
N LYS B 215 30.54 -18.14 11.09
CA LYS B 215 30.70 -18.53 12.50
C LYS B 215 30.41 -20.03 12.71
N GLY B 216 29.36 -20.53 12.06
CA GLY B 216 29.01 -21.94 12.16
C GLY B 216 30.06 -22.87 11.60
N LEU B 217 30.65 -22.49 10.47
CA LEU B 217 31.71 -23.29 9.87
C LEU B 217 32.93 -23.29 10.80
N ASN B 218 33.32 -22.11 11.26
CA ASN B 218 34.43 -21.95 12.20
C ASN B 218 34.22 -22.79 13.46
N GLU B 219 33.02 -22.82 14.00
CA GLU B 219 32.71 -23.70 15.14
C GLU B 219 32.82 -25.20 14.84
N SER B 220 32.51 -25.63 13.62
CA SER B 220 32.50 -27.07 13.32
C SER B 220 33.91 -27.70 13.25
N SER C 3 -25.93 19.31 -4.97
CA SER C 3 -25.34 18.12 -4.31
C SER C 3 -23.94 17.77 -4.87
N LEU C 4 -22.90 18.30 -4.24
CA LEU C 4 -21.53 18.19 -4.77
C LEU C 4 -20.89 16.89 -4.35
N PRO C 5 -19.96 16.38 -5.16
CA PRO C 5 -19.25 15.21 -4.69
C PRO C 5 -18.48 15.46 -3.38
N ASP C 6 -18.27 14.42 -2.59
CA ASP C 6 -17.57 14.57 -1.32
C ASP C 6 -16.07 14.80 -1.50
N LEU C 7 -15.49 15.58 -0.58
CA LEU C 7 -14.03 15.63 -0.41
C LEU C 7 -13.43 14.22 -0.39
N LYS C 8 -12.38 14.02 -1.19
CA LYS C 8 -11.62 12.78 -1.23
C LYS C 8 -10.16 13.00 -0.77
N ILE C 9 -9.63 12.05 -0.01
CA ILE C 9 -8.25 12.08 0.40
C ILE C 9 -7.67 10.72 0.01
N GLU C 10 -6.60 10.72 -0.79
CA GLU C 10 -6.02 9.50 -1.37
C GLU C 10 -4.50 9.57 -1.28
N LYS C 11 -3.89 8.54 -0.71
CA LYS C 11 -2.45 8.48 -0.58
C LYS C 11 -1.81 8.40 -1.98
N LEU C 12 -0.88 9.30 -2.27
CA LEU C 12 -0.14 9.26 -3.53
C LEU C 12 1.22 8.55 -3.40
N ASP C 13 1.92 8.81 -2.32
CA ASP C 13 3.28 8.28 -2.09
C ASP C 13 3.55 8.40 -0.60
N GLU C 14 4.69 7.92 -0.13
CA GLU C 14 5.03 8.05 1.28
C GLU C 14 4.98 9.51 1.74
N GLY C 15 4.11 9.79 2.72
CA GLY C 15 4.00 11.13 3.29
C GLY C 15 3.33 12.16 2.42
N VAL C 16 2.70 11.72 1.33
CA VAL C 16 2.05 12.62 0.37
C VAL C 16 0.66 12.12 0.00
N TYR C 17 -0.35 12.95 0.24
CA TYR C 17 -1.73 12.65 -0.08
C TYR C 17 -2.26 13.66 -1.09
N VAL C 18 -3.21 13.24 -1.91
CA VAL C 18 -3.98 14.17 -2.76
C VAL C 18 -5.35 14.38 -2.15
N HIS C 19 -5.71 15.66 -1.97
CA HIS C 19 -7.07 15.99 -1.60
C HIS C 19 -7.81 16.53 -2.80
N THR C 20 -9.06 16.11 -2.98
CA THR C 20 -9.86 16.54 -4.12
C THR C 20 -11.16 17.10 -3.61
N SER C 21 -11.44 18.34 -3.99
CA SER C 21 -12.69 18.96 -3.66
C SER C 21 -13.32 19.38 -4.96
N PHE C 22 -14.59 19.74 -4.87
CA PHE C 22 -15.41 19.89 -6.05
C PHE C 22 -16.27 21.13 -5.97
N GLU C 23 -16.37 21.84 -7.08
CA GLU C 23 -17.28 22.98 -7.13
C GLU C 23 -17.80 23.23 -8.54
N GLU C 24 -19.08 23.61 -8.60
CA GLU C 24 -19.73 23.95 -9.84
C GLU C 24 -19.14 25.26 -10.33
N VAL C 25 -18.57 25.24 -11.53
CA VAL C 25 -18.05 26.48 -12.12
C VAL C 25 -18.68 26.62 -13.50
N ASN C 26 -19.43 27.69 -13.68
CA ASN C 26 -20.21 27.93 -14.90
C ASN C 26 -19.42 27.80 -16.19
N GLY C 27 -19.93 26.96 -17.09
CA GLY C 27 -19.22 26.60 -18.31
C GLY C 27 -18.55 25.25 -18.20
N TRP C 28 -17.93 24.98 -17.04
CA TRP C 28 -17.14 23.77 -16.85
C TRP C 28 -17.93 22.62 -16.20
N GLY C 29 -19.06 22.92 -15.57
CA GLY C 29 -19.80 21.93 -14.77
C GLY C 29 -19.10 21.76 -13.43
N VAL C 30 -19.21 20.59 -12.84
CA VAL C 30 -18.53 20.36 -11.57
C VAL C 30 -17.05 20.15 -11.87
N VAL C 31 -16.22 20.95 -11.21
CA VAL C 31 -14.77 20.93 -11.38
C VAL C 31 -14.07 20.23 -10.22
N PRO C 32 -13.42 19.07 -10.49
CA PRO C 32 -12.54 18.54 -9.45
C PRO C 32 -11.29 19.39 -9.33
N LYS C 33 -10.85 19.62 -8.08
CA LYS C 33 -9.64 20.37 -7.80
C LYS C 33 -8.74 19.56 -6.88
N HIS C 34 -7.55 19.22 -7.35
CA HIS C 34 -6.60 18.48 -6.56
C HIS C 34 -5.63 19.40 -5.86
N GLY C 35 -5.33 19.12 -4.59
CA GLY C 35 -4.20 19.69 -3.86
C GLY C 35 -3.47 18.56 -3.14
N LEU C 36 -2.44 18.87 -2.37
CA LEU C 36 -1.74 17.83 -1.60
C LEU C 36 -1.80 18.07 -0.11
N VAL C 37 -1.56 17.01 0.66
CA VAL C 37 -1.15 17.14 2.04
C VAL C 37 0.18 16.42 2.15
N VAL C 38 1.16 17.11 2.73
CA VAL C 38 2.53 16.59 2.82
C VAL C 38 2.89 16.47 4.29
N LEU C 39 3.36 15.29 4.68
CA LEU C 39 3.69 14.99 6.07
C LEU C 39 5.18 15.17 6.31
N VAL C 40 5.51 15.94 7.34
CA VAL C 40 6.91 16.13 7.75
C VAL C 40 6.95 15.70 9.21
N ASN C 41 7.30 14.42 9.42
CA ASN C 41 7.21 13.80 10.74
C ASN C 41 5.81 14.01 11.33
N ALA C 42 5.69 14.65 12.50
CA ALA C 42 4.39 14.80 13.15
C ALA C 42 3.54 15.94 12.58
N GLU C 43 4.08 16.65 11.59
CA GLU C 43 3.45 17.86 11.06
C GLU C 43 2.91 17.64 9.66
N ALA C 44 1.78 18.29 9.33
CA ALA C 44 1.19 18.20 7.99
C ALA C 44 1.11 19.59 7.37
N TYR C 45 1.32 19.64 6.05
CA TYR C 45 1.24 20.88 5.30
C TYR C 45 0.25 20.73 4.16
N LEU C 46 -0.65 21.70 4.05
CA LEU C 46 -1.65 21.75 2.99
C LEU C 46 -1.05 22.47 1.80
N ILE C 47 -1.03 21.80 0.66
CA ILE C 47 -0.61 22.39 -0.60
C ILE C 47 -1.91 22.61 -1.35
N ASP C 48 -2.29 23.88 -1.34
CA ASP C 48 -3.61 24.36 -1.72
C ASP C 48 -4.66 23.97 -0.70
N THR C 49 -5.65 24.86 -0.54
CA THR C 49 -6.80 24.57 0.26
C THR C 49 -7.94 24.14 -0.64
N PRO C 50 -8.89 23.35 -0.13
CA PRO C 50 -10.13 23.14 -0.84
C PRO C 50 -10.88 24.42 -1.12
N PHE C 51 -11.93 24.30 -1.92
CA PHE C 51 -12.74 25.46 -2.30
C PHE C 51 -13.40 26.16 -1.11
N THR C 52 -13.79 25.39 -0.10
CA THR C 52 -14.67 25.91 0.95
C THR C 52 -14.10 25.75 2.34
N ALA C 53 -14.63 26.55 3.28
CA ALA C 53 -14.35 26.36 4.71
C ALA C 53 -14.69 24.95 5.20
N LYS C 54 -15.85 24.44 4.80
CA LYS C 54 -16.28 23.15 5.30
C LYS C 54 -15.35 22.02 4.87
N ASP C 55 -14.96 21.98 3.61
CA ASP C 55 -14.00 20.97 3.15
C ASP C 55 -12.59 21.21 3.72
N THR C 56 -12.22 22.47 3.99
CA THR C 56 -10.94 22.70 4.64
C THR C 56 -10.96 22.09 6.05
N GLU C 57 -12.03 22.32 6.78
CA GLU C 57 -12.16 21.74 8.12
C GLU C 57 -12.14 20.22 8.06
N LYS C 58 -12.86 19.64 7.10
CA LYS C 58 -12.87 18.17 6.94
C LYS C 58 -11.46 17.61 6.71
N LEU C 59 -10.74 18.28 5.83
CA LEU C 59 -9.35 17.94 5.49
C LEU C 59 -8.44 18.02 6.72
N VAL C 60 -8.50 19.16 7.42
CA VAL C 60 -7.69 19.40 8.61
C VAL C 60 -8.00 18.33 9.68
N THR C 61 -9.29 18.13 9.94
CA THR C 61 -9.74 17.17 10.97
C THR C 61 -9.29 15.72 10.66
N TRP C 62 -9.36 15.33 9.40
CA TRP C 62 -8.87 14.03 8.97
C TRP C 62 -7.43 13.82 9.42
N PHE C 63 -6.56 14.80 9.21
CA PHE C 63 -5.16 14.69 9.65
C PHE C 63 -4.91 14.90 11.14
N VAL C 64 -5.65 15.82 11.75
CA VAL C 64 -5.57 16.02 13.20
C VAL C 64 -6.01 14.75 13.94
N GLU C 65 -7.08 14.13 13.48
CA GLU C 65 -7.58 12.93 14.14
C GLU C 65 -6.61 11.74 13.99
N ARG C 66 -5.70 11.82 13.02
CA ARG C 66 -4.66 10.79 12.83
C ARG C 66 -3.33 11.13 13.48
N GLY C 67 -3.30 12.20 14.24
CA GLY C 67 -2.15 12.51 15.09
C GLY C 67 -1.23 13.58 14.57
N TYR C 68 -1.62 14.27 13.49
CA TYR C 68 -0.75 15.30 12.95
C TYR C 68 -1.18 16.70 13.40
N LYS C 69 -0.21 17.58 13.51
CA LYS C 69 -0.46 18.99 13.75
C LYS C 69 -0.41 19.64 12.38
N ILE C 70 -1.39 20.49 12.06
CA ILE C 70 -1.34 21.22 10.78
C ILE C 70 -0.43 22.40 10.96
N LYS C 71 0.72 22.36 10.33
CA LYS C 71 1.75 23.37 10.54
C LYS C 71 1.62 24.55 9.57
N GLY C 72 0.97 24.33 8.43
CA GLY C 72 0.77 25.41 7.48
C GLY C 72 0.03 25.02 6.23
N SER C 73 -0.42 26.04 5.47
CA SER C 73 -0.95 25.81 4.14
C SER C 73 -0.20 26.75 3.22
N ILE C 74 0.01 26.36 1.99
CA ILE C 74 0.54 27.26 0.97
C ILE C 74 -0.44 27.22 -0.20
N SER C 75 -0.79 28.40 -0.73
CA SER C 75 -1.72 28.49 -1.88
C SER C 75 -0.97 28.86 -3.16
N SER C 76 -1.23 28.10 -4.22
CA SER C 76 -0.44 28.15 -5.45
C SER C 76 -0.84 29.32 -6.32
N HIS C 77 -2.06 29.81 -6.13
CA HIS C 77 -2.48 31.06 -6.79
C HIS C 77 -3.71 31.62 -6.09
N PHE C 78 -4.17 32.79 -6.52
CA PHE C 78 -5.21 33.50 -5.77
C PHE C 78 -6.63 32.97 -5.92
N HIS C 79 -6.87 32.22 -7.00
CA HIS C 79 -8.21 31.70 -7.27
C HIS C 79 -8.74 30.89 -6.09
N SER C 80 -10.06 30.92 -5.89
CA SER C 80 -10.70 30.24 -4.72
C SER C 80 -10.42 28.73 -4.63
N GLU C 81 -10.20 28.10 -5.77
CA GLU C 81 -9.82 26.69 -5.81
C GLU C 81 -8.54 26.39 -5.01
N SER C 82 -7.73 27.42 -4.76
CA SER C 82 -6.47 27.25 -4.05
C SER C 82 -6.43 28.00 -2.72
N THR C 83 -7.33 28.99 -2.54
CA THR C 83 -7.32 29.86 -1.37
C THR C 83 -8.62 29.87 -0.56
N GLY C 84 -9.61 29.08 -0.96
CA GLY C 84 -10.91 29.09 -0.31
C GLY C 84 -10.92 28.74 1.16
N GLY C 85 -9.86 28.08 1.62
CA GLY C 85 -9.73 27.70 3.02
C GLY C 85 -8.91 28.63 3.88
N ILE C 86 -8.30 29.66 3.28
CA ILE C 86 -7.47 30.59 4.03
C ILE C 86 -8.23 31.23 5.19
N GLU C 87 -9.44 31.74 4.95
CA GLU C 87 -10.24 32.30 6.05
C GLU C 87 -10.35 31.35 7.23
N TRP C 88 -10.74 30.11 6.95
CA TRP C 88 -10.94 29.13 8.00
C TRP C 88 -9.65 28.87 8.76
N LEU C 89 -8.56 28.65 8.02
CA LEU C 89 -7.25 28.36 8.63
C LEU C 89 -6.79 29.55 9.50
N ASN C 90 -6.87 30.75 8.97
CA ASN C 90 -6.52 31.94 9.74
C ASN C 90 -7.36 32.06 10.99
N SER C 91 -8.62 31.63 10.91
CA SER C 91 -9.56 31.81 12.01
C SER C 91 -9.18 30.93 13.20
N ARG C 92 -8.48 29.83 12.90
CA ARG C 92 -7.91 28.93 13.91
C ARG C 92 -6.39 29.08 14.15
N SER C 93 -5.80 30.17 13.66
CA SER C 93 -4.37 30.49 13.80
C SER C 93 -3.48 29.36 13.28
N ILE C 94 -3.91 28.72 12.21
CA ILE C 94 -3.01 27.85 11.44
C ILE C 94 -2.32 28.72 10.40
N PRO C 95 -0.97 28.73 10.40
CA PRO C 95 -0.25 29.61 9.50
C PRO C 95 -0.60 29.41 8.02
N THR C 96 -0.89 30.49 7.30
CA THR C 96 -1.17 30.39 5.88
C THR C 96 -0.10 31.15 5.16
N TYR C 97 0.33 30.60 4.02
CA TYR C 97 1.35 31.19 3.18
C TYR C 97 0.85 31.42 1.76
N ALA C 98 1.25 32.54 1.17
CA ALA C 98 1.09 32.76 -0.25
C ALA C 98 2.09 33.79 -0.67
N SER C 99 2.35 33.87 -1.95
CA SER C 99 3.31 34.86 -2.44
C SER C 99 2.75 36.27 -2.21
N GLU C 100 3.65 37.25 -2.19
CA GLU C 100 3.25 38.64 -2.13
C GLU C 100 2.33 38.95 -3.29
N LEU C 101 2.64 38.39 -4.46
CA LEU C 101 1.75 38.59 -5.62
C LEU C 101 0.33 38.03 -5.36
N THR C 102 0.25 36.83 -4.82
CA THR C 102 -1.04 36.22 -4.55
C THR C 102 -1.81 37.07 -3.55
N ASN C 103 -1.15 37.51 -2.49
CA ASN C 103 -1.83 38.33 -1.48
C ASN C 103 -2.31 39.67 -2.06
N GLU C 104 -1.55 40.25 -2.99
CA GLU C 104 -2.02 41.49 -3.62
C GLU C 104 -3.26 41.29 -4.47
N LEU C 105 -3.33 40.14 -5.15
CA LEU C 105 -4.51 39.80 -5.95
C LEU C 105 -5.71 39.46 -5.09
N LEU C 106 -5.47 38.80 -3.96
CA LEU C 106 -6.55 38.54 -3.00
C LEU C 106 -7.12 39.86 -2.45
N LYS C 107 -6.23 40.76 -2.04
CA LYS C 107 -6.61 42.10 -1.55
C LYS C 107 -7.46 42.86 -2.57
N LYS C 108 -7.01 42.84 -3.80
CA LYS C 108 -7.68 43.49 -4.92
C LYS C 108 -9.10 42.96 -5.10
N ASP C 109 -9.26 41.66 -4.92
CA ASP C 109 -10.56 41.01 -5.04
C ASP C 109 -11.39 41.04 -3.74
N GLY C 110 -10.90 41.72 -2.71
CA GLY C 110 -11.63 41.85 -1.45
C GLY C 110 -11.68 40.54 -0.65
N LYS C 111 -10.62 39.74 -0.81
CA LYS C 111 -10.49 38.46 -0.13
C LYS C 111 -9.47 38.50 0.99
N VAL C 112 -9.66 37.64 1.97
CA VAL C 112 -8.77 37.54 3.11
C VAL C 112 -7.40 37.02 2.67
N GLN C 113 -6.34 37.65 3.15
CA GLN C 113 -4.99 37.31 2.73
C GLN C 113 -4.37 36.21 3.58
N ALA C 114 -3.39 35.53 3.00
CA ALA C 114 -2.53 34.66 3.79
C ALA C 114 -1.76 35.48 4.82
N THR C 115 -1.51 34.87 5.96
CA THR C 115 -0.86 35.53 7.07
C THR C 115 0.62 35.75 6.79
N ASN C 116 1.23 34.83 6.03
CA ASN C 116 2.66 34.87 5.72
C ASN C 116 2.85 34.99 4.21
N SER C 117 3.76 35.87 3.77
CA SER C 117 4.03 35.97 2.36
C SER C 117 5.51 35.71 2.05
N PHE C 118 5.79 35.41 0.81
CA PHE C 118 7.16 35.15 0.37
C PHE C 118 7.33 35.72 -1.03
N SER C 119 8.58 35.76 -1.48
CA SER C 119 8.87 36.20 -2.82
C SER C 119 10.11 35.50 -3.34
N GLY C 120 10.51 35.82 -4.55
CA GLY C 120 11.69 35.21 -5.14
C GLY C 120 11.33 34.09 -6.11
N VAL C 121 12.31 33.65 -6.86
CA VAL C 121 12.09 32.56 -7.79
C VAL C 121 11.81 31.29 -7.02
N ASN C 122 12.56 31.09 -5.93
CA ASN C 122 12.44 29.89 -5.11
C ASN C 122 12.41 30.24 -3.63
N TYR C 123 11.57 29.53 -2.90
CA TYR C 123 11.33 29.76 -1.50
C TYR C 123 11.15 28.41 -0.82
N TRP C 124 11.95 28.15 0.21
CA TRP C 124 11.80 26.91 0.96
C TRP C 124 10.78 27.09 2.08
N LEU C 125 9.62 26.47 1.93
CA LEU C 125 8.60 26.47 2.99
C LEU C 125 9.09 25.62 4.15
N VAL C 126 9.60 24.43 3.82
CA VAL C 126 10.32 23.59 4.75
C VAL C 126 11.65 23.16 4.12
N LYS C 127 12.75 23.59 4.72
CA LYS C 127 14.07 23.37 4.16
C LYS C 127 14.30 21.89 3.77
N ASN C 128 14.81 21.68 2.56
CA ASN C 128 15.04 20.34 1.96
C ASN C 128 13.82 19.45 1.74
N LYS C 129 12.61 19.92 2.05
CA LYS C 129 11.43 19.06 1.91
C LYS C 129 10.27 19.64 1.10
N ILE C 130 10.05 20.95 1.20
CA ILE C 130 8.97 21.62 0.45
C ILE C 130 9.48 22.93 -0.13
N GLU C 131 9.65 22.93 -1.44
CA GLU C 131 10.14 24.09 -2.18
C GLU C 131 8.98 24.71 -2.97
N VAL C 132 8.86 26.03 -2.91
CA VAL C 132 7.95 26.77 -3.74
C VAL C 132 8.73 27.44 -4.87
N PHE C 133 8.24 27.32 -6.10
CA PHE C 133 8.94 27.84 -7.26
C PHE C 133 8.01 28.66 -8.12
N TYR C 134 8.48 29.85 -8.49
CA TYR C 134 7.72 30.79 -9.33
C TYR C 134 8.28 30.78 -10.73
N PRO C 135 7.57 30.17 -11.67
CA PRO C 135 8.11 30.11 -13.02
C PRO C 135 7.89 31.37 -13.84
N GLY C 136 7.04 32.26 -13.34
CA GLY C 136 6.58 33.42 -14.10
C GLY C 136 5.11 33.31 -14.35
N PRO C 137 4.51 34.38 -14.88
CA PRO C 137 3.09 34.37 -15.16
C PRO C 137 2.68 33.29 -16.15
N GLY C 138 1.49 32.75 -15.96
CA GLY C 138 0.88 31.86 -16.94
C GLY C 138 -0.62 31.84 -16.84
N HIS C 139 -1.14 30.80 -16.20
CA HIS C 139 -2.54 30.68 -15.87
C HIS C 139 -3.04 31.94 -15.13
N THR C 140 -2.23 32.43 -14.21
CA THR C 140 -2.47 33.71 -13.51
C THR C 140 -1.12 34.43 -13.38
N PRO C 141 -1.15 35.70 -12.97
CA PRO C 141 0.12 36.44 -12.80
C PRO C 141 1.02 35.86 -11.72
N ASP C 142 0.41 35.19 -10.74
CA ASP C 142 1.04 34.83 -9.48
C ASP C 142 1.30 33.31 -9.32
N ASN C 143 0.94 32.51 -10.31
CA ASN C 143 0.97 31.04 -10.13
C ASN C 143 2.35 30.52 -9.72
N VAL C 144 2.36 29.69 -8.68
CA VAL C 144 3.55 28.98 -8.24
C VAL C 144 3.30 27.48 -8.20
N VAL C 145 4.40 26.73 -8.21
CA VAL C 145 4.36 25.28 -8.10
C VAL C 145 5.09 24.88 -6.82
N VAL C 146 4.89 23.64 -6.37
CA VAL C 146 5.48 23.18 -5.14
C VAL C 146 6.16 21.86 -5.42
N TRP C 147 7.44 21.78 -5.03
CA TRP C 147 8.33 20.66 -5.34
C TRP C 147 8.69 19.93 -4.06
N LEU C 148 8.63 18.61 -4.12
CA LEU C 148 8.91 17.77 -2.95
C LEU C 148 10.14 16.94 -3.30
N PRO C 149 11.34 17.43 -2.92
CA PRO C 149 12.57 16.78 -3.45
C PRO C 149 12.73 15.32 -3.05
N GLU C 150 12.27 14.97 -1.85
CA GLU C 150 12.47 13.62 -1.34
C GLU C 150 11.71 12.58 -2.17
N ARG C 151 10.57 12.97 -2.72
CA ARG C 151 9.79 12.05 -3.53
C ARG C 151 9.81 12.39 -5.02
N LYS C 152 10.44 13.52 -5.38
CA LYS C 152 10.42 14.03 -6.75
C LYS C 152 8.98 14.19 -7.26
N ILE C 153 8.14 14.81 -6.43
CA ILE C 153 6.78 15.10 -6.81
C ILE C 153 6.66 16.61 -6.95
N LEU C 154 6.09 17.02 -8.07
CA LEU C 154 5.80 18.39 -8.36
C LEU C 154 4.29 18.62 -8.38
N PHE C 155 3.80 19.50 -7.51
CA PHE C 155 2.44 19.94 -7.59
C PHE C 155 2.45 21.13 -8.55
N GLY C 156 1.82 20.96 -9.71
CA GLY C 156 1.79 21.97 -10.76
C GLY C 156 0.60 22.90 -10.66
N GLY C 157 -0.44 22.47 -9.95
CA GLY C 157 -1.65 23.26 -9.85
C GLY C 157 -2.19 23.63 -11.21
N PHE C 159 -1.12 25.87 -13.35
CA PHE C 159 -0.07 26.15 -14.35
C PHE C 159 0.07 24.98 -15.33
N ILE C 160 -0.03 23.77 -14.81
CA ILE C 160 0.08 22.58 -15.64
C ILE C 160 -1.25 22.32 -16.35
N LYS C 161 -1.24 22.47 -17.66
CA LYS C 161 -2.43 22.41 -18.49
C LYS C 161 -2.08 21.60 -19.75
N PRO C 162 -1.95 20.28 -19.59
CA PRO C 162 -1.41 19.47 -20.69
C PRO C 162 -2.36 19.25 -21.86
N TYR C 163 -3.66 19.56 -21.68
CA TYR C 163 -4.70 19.26 -22.67
C TYR C 163 -5.39 20.49 -23.26
N GLY C 164 -4.97 21.67 -22.84
CA GLY C 164 -5.69 22.89 -23.17
C GLY C 164 -5.50 23.81 -21.99
N LEU C 165 -5.43 25.11 -22.27
CA LEU C 165 -5.09 26.10 -21.24
C LEU C 165 -6.21 26.47 -20.25
N GLY C 166 -7.47 26.20 -20.60
CA GLY C 166 -8.60 26.50 -19.71
C GLY C 166 -8.99 27.95 -19.66
N ASN C 167 -9.33 28.44 -18.47
CA ASN C 167 -9.83 29.80 -18.26
C ASN C 167 -8.72 30.79 -18.49
N LEU C 168 -8.82 31.58 -19.56
CA LEU C 168 -7.80 32.56 -19.88
C LEU C 168 -8.03 33.95 -19.27
N GLY C 169 -9.10 34.11 -18.50
CA GLY C 169 -9.47 35.38 -17.88
C GLY C 169 -8.37 36.14 -17.16
N ASP C 170 -7.57 35.43 -16.38
CA ASP C 170 -6.46 36.02 -15.64
C ASP C 170 -5.11 35.60 -16.19
N ALA C 171 -5.09 34.93 -17.33
CA ALA C 171 -3.86 34.41 -17.93
C ALA C 171 -3.02 35.46 -18.67
N ASN C 172 -1.74 35.17 -18.74
CA ASN C 172 -0.76 35.95 -19.48
C ASN C 172 -0.25 35.05 -20.59
N ILE C 173 -0.95 35.09 -21.70
CA ILE C 173 -0.65 34.25 -22.83
C ILE C 173 0.73 34.57 -23.44
N GLU C 174 1.15 35.83 -23.35
CA GLU C 174 2.49 36.24 -23.80
C GLU C 174 3.63 35.60 -23.00
N ALA C 175 3.49 35.56 -21.68
CA ALA C 175 4.54 35.07 -20.77
C ALA C 175 4.54 33.55 -20.58
N TRP C 176 3.39 32.90 -20.79
CA TRP C 176 3.26 31.50 -20.39
C TRP C 176 4.30 30.57 -21.04
N PRO C 177 4.61 30.75 -22.33
CA PRO C 177 5.61 29.87 -22.93
C PRO C 177 6.98 29.99 -22.27
N LYS C 178 7.39 31.21 -21.95
CA LYS C 178 8.67 31.42 -21.27
C LYS C 178 8.67 30.78 -19.89
N SER C 179 7.56 30.96 -19.18
CA SER C 179 7.41 30.39 -17.85
C SER C 179 7.45 28.87 -17.89
N ALA C 180 6.76 28.29 -18.87
CA ALA C 180 6.67 26.83 -19.00
C ALA C 180 8.02 26.25 -19.42
N LYS C 181 8.77 27.00 -20.24
CA LYS C 181 10.12 26.57 -20.61
C LYS C 181 11.03 26.49 -19.39
N LEU C 182 10.93 27.51 -18.54
CA LEU C 182 11.69 27.56 -17.32
C LEU C 182 11.29 26.40 -16.39
N LEU C 183 9.99 26.15 -16.25
CA LEU C 183 9.54 25.08 -15.37
C LEU C 183 10.07 23.72 -15.85
N LYS C 184 10.01 23.52 -17.17
CA LYS C 184 10.47 22.25 -17.76
C LYS C 184 11.98 22.03 -17.51
N SER C 185 12.74 23.11 -17.65
CA SER C 185 14.19 23.08 -17.33
C SER C 185 14.48 22.74 -15.90
N LYS C 186 13.69 23.30 -14.98
CA LYS C 186 13.95 23.17 -13.56
C LYS C 186 13.58 21.78 -13.03
N TYR C 187 12.46 21.23 -13.47
CA TYR C 187 11.89 20.01 -12.87
C TYR C 187 11.69 18.86 -13.86
N GLY C 188 12.54 18.80 -14.88
CA GLY C 188 12.54 17.67 -15.80
C GLY C 188 12.78 16.35 -15.08
N LYS C 189 13.43 16.42 -13.92
CA LYS C 189 13.66 15.27 -13.05
C LYS C 189 12.43 14.78 -12.24
N ALA C 190 11.29 15.47 -12.35
CA ALA C 190 10.08 15.06 -11.66
C ALA C 190 9.66 13.63 -12.01
N LYS C 191 9.33 12.84 -11.00
CA LYS C 191 8.74 11.51 -11.21
C LYS C 191 7.24 11.63 -11.41
N LEU C 192 6.60 12.46 -10.58
CA LEU C 192 5.16 12.67 -10.67
C LEU C 192 4.86 14.16 -10.77
N VAL C 193 3.92 14.48 -11.63
CA VAL C 193 3.45 15.86 -11.82
C VAL C 193 1.95 15.85 -11.58
N VAL C 194 1.51 16.66 -10.63
CA VAL C 194 0.14 16.70 -10.18
C VAL C 194 -0.56 17.99 -10.62
N PRO C 195 -1.43 17.89 -11.61
CA PRO C 195 -2.19 19.06 -12.01
C PRO C 195 -3.44 19.22 -11.15
N SER C 196 -4.06 20.40 -11.24
CA SER C 196 -5.28 20.70 -10.50
C SER C 196 -6.50 19.92 -10.91
N HIS C 197 -6.71 19.67 -12.20
CA HIS C 197 -8.02 19.20 -12.65
C HIS C 197 -8.02 17.93 -13.49
N SER C 198 -6.90 17.23 -13.51
CA SER C 198 -6.76 16.02 -14.32
C SER C 198 -5.83 15.10 -13.59
N GLU C 199 -5.65 13.90 -14.12
CA GLU C 199 -4.92 12.83 -13.43
CA GLU C 199 -4.96 12.85 -13.40
C GLU C 199 -3.42 13.11 -13.30
N VAL C 200 -2.81 12.50 -12.30
CA VAL C 200 -1.40 12.62 -12.06
C VAL C 200 -0.67 12.05 -13.27
N GLY C 201 0.41 12.69 -13.68
CA GLY C 201 1.24 12.14 -14.75
C GLY C 201 2.69 12.20 -14.37
N ASP C 202 3.54 12.03 -15.37
CA ASP C 202 4.96 12.14 -15.15
C ASP C 202 5.47 13.45 -15.77
N ALA C 203 6.78 13.56 -15.98
CA ALA C 203 7.36 14.82 -16.48
C ALA C 203 6.92 15.26 -17.87
N SER C 204 6.29 14.37 -18.65
CA SER C 204 5.78 14.74 -19.97
C SER C 204 4.72 15.85 -19.87
N LEU C 205 4.04 15.95 -18.73
CA LEU C 205 3.05 17.03 -18.55
C LEU C 205 3.68 18.44 -18.66
N LEU C 206 4.97 18.52 -18.34
CA LEU C 206 5.69 19.77 -18.46
C LEU C 206 5.88 20.16 -19.92
N LYS C 207 6.24 19.18 -20.77
CA LYS C 207 6.36 19.43 -22.20
C LYS C 207 5.02 19.74 -22.81
N LEU C 208 4.01 18.95 -22.44
CA LEU C 208 2.67 19.15 -22.97
C LEU C 208 2.13 20.54 -22.62
N THR C 209 2.37 20.99 -21.39
CA THR C 209 1.97 22.34 -20.98
C THR C 209 2.67 23.40 -21.84
N LEU C 210 3.98 23.23 -22.04
CA LEU C 210 4.75 24.13 -22.90
C LEU C 210 4.12 24.20 -24.29
N GLU C 211 3.82 23.05 -24.87
CA GLU C 211 3.23 22.99 -26.22
C GLU C 211 1.90 23.71 -26.30
N GLN C 212 1.06 23.50 -25.28
CA GLN C 212 -0.23 24.15 -25.20
C GLN C 212 -0.09 25.68 -25.06
N ALA C 213 0.87 26.13 -24.26
CA ALA C 213 1.13 27.56 -24.11
C ALA C 213 1.62 28.21 -25.43
N VAL C 214 2.55 27.55 -26.12
CA VAL C 214 3.04 28.04 -27.43
C VAL C 214 1.87 28.18 -28.40
N LYS C 215 1.04 27.17 -28.41
CA LYS C 215 -0.08 27.12 -29.32
C LYS C 215 -1.09 28.23 -29.02
N GLY C 216 -1.36 28.43 -27.73
CA GLY C 216 -2.21 29.53 -27.29
C GLY C 216 -1.69 30.90 -27.72
N LEU C 217 -0.38 31.12 -27.58
CA LEU C 217 0.23 32.38 -27.99
C LEU C 217 0.05 32.59 -29.51
N ASN C 218 0.35 31.55 -30.29
CA ASN C 218 0.21 31.61 -31.75
C ASN C 218 -1.23 31.91 -32.15
N GLU C 219 -2.18 31.18 -31.58
CA GLU C 219 -3.60 31.43 -31.78
C GLU C 219 -4.04 32.88 -31.46
N SER C 220 -3.41 33.54 -30.48
CA SER C 220 -3.90 34.87 -30.05
C SER C 220 -3.58 36.00 -31.04
N SER D 3 28.92 -9.28 16.40
CA SER D 3 28.22 -8.29 15.51
C SER D 3 26.69 -8.45 15.50
N LEU D 4 26.02 -7.68 16.36
CA LEU D 4 24.57 -7.81 16.54
C LEU D 4 23.81 -7.08 15.46
N PRO D 5 22.60 -7.56 15.13
CA PRO D 5 21.80 -6.79 14.19
C PRO D 5 21.53 -5.39 14.74
N ASP D 6 21.33 -4.43 13.84
CA ASP D 6 21.10 -3.05 14.24
C ASP D 6 19.71 -2.87 14.81
N LEU D 7 19.57 -1.89 15.71
CA LEU D 7 18.28 -1.42 16.17
C LEU D 7 17.40 -1.11 14.98
N LYS D 8 16.18 -1.65 15.01
CA LYS D 8 15.17 -1.38 14.01
C LYS D 8 14.00 -0.60 14.61
N ILE D 9 13.48 0.37 13.85
CA ILE D 9 12.31 1.14 14.24
C ILE D 9 11.34 1.04 13.07
N GLU D 10 10.11 0.65 13.33
CA GLU D 10 9.18 0.35 12.25
C GLU D 10 7.76 0.68 12.68
N LYS D 11 7.06 1.46 11.88
CA LYS D 11 5.71 1.88 12.23
C LYS D 11 4.77 0.67 12.23
N LEU D 12 3.96 0.55 13.27
CA LEU D 12 3.00 -0.53 13.41
C LEU D 12 1.58 -0.06 13.10
N ASP D 13 1.22 1.12 13.58
CA ASP D 13 -0.13 1.62 13.47
C ASP D 13 -0.04 3.12 13.69
N GLU D 14 -1.17 3.81 13.59
CA GLU D 14 -1.21 5.23 13.86
C GLU D 14 -0.64 5.56 15.26
N GLY D 15 0.39 6.40 15.30
CA GLY D 15 1.01 6.81 16.56
C GLY D 15 1.80 5.73 17.31
N VAL D 16 2.11 4.62 16.65
CA VAL D 16 2.76 3.48 17.33
C VAL D 16 3.84 2.84 16.46
N TYR D 17 5.06 2.84 17.01
CA TYR D 17 6.19 2.18 16.39
C TYR D 17 6.61 1.01 17.23
N VAL D 18 7.23 0.04 16.58
CA VAL D 18 7.92 -1.04 17.24
C VAL D 18 9.43 -0.82 17.15
N HIS D 19 10.09 -0.82 18.30
CA HIS D 19 11.54 -0.88 18.30
C HIS D 19 12.00 -2.29 18.55
N THR D 20 13.01 -2.72 17.81
CA THR D 20 13.57 -4.06 17.99
C THR D 20 15.06 -3.96 18.20
N SER D 21 15.52 -4.52 19.31
CA SER D 21 16.93 -4.55 19.59
C SER D 21 17.28 -6.00 19.79
N PHE D 22 18.58 -6.28 19.80
CA PHE D 22 19.03 -7.64 19.73
C PHE D 22 20.11 -7.91 20.74
N GLU D 23 20.09 -9.10 21.31
CA GLU D 23 21.17 -9.55 22.15
C GLU D 23 21.36 -11.06 22.10
N GLU D 24 22.63 -11.45 22.14
CA GLU D 24 23.04 -12.84 22.20
C GLU D 24 22.72 -13.32 23.58
N VAL D 25 21.93 -14.39 23.68
CA VAL D 25 21.66 -15.04 24.97
C VAL D 25 21.91 -16.54 24.81
N ASN D 26 22.85 -17.08 25.58
CA ASN D 26 23.21 -18.51 25.48
C ASN D 26 21.99 -19.42 25.56
N GLY D 27 21.97 -20.42 24.68
CA GLY D 27 20.79 -21.25 24.48
C GLY D 27 19.96 -20.75 23.33
N TRP D 28 19.67 -19.44 23.32
CA TRP D 28 18.67 -18.85 22.40
C TRP D 28 19.24 -18.34 21.06
N GLY D 29 20.55 -18.12 20.99
CA GLY D 29 21.17 -17.47 19.84
C GLY D 29 20.99 -15.96 20.00
N VAL D 30 20.91 -15.24 18.88
CA VAL D 30 20.57 -13.83 18.95
C VAL D 30 19.05 -13.74 19.13
N VAL D 31 18.65 -12.94 20.10
CA VAL D 31 17.25 -12.79 20.49
C VAL D 31 16.74 -11.41 20.11
N PRO D 32 15.74 -11.35 19.19
CA PRO D 32 15.12 -10.06 18.98
C PRO D 32 14.23 -9.70 20.15
N LYS D 33 14.20 -8.42 20.52
CA LYS D 33 13.33 -7.91 21.58
C LYS D 33 12.54 -6.71 21.07
N HIS D 34 11.23 -6.85 21.02
CA HIS D 34 10.35 -5.76 20.58
C HIS D 34 9.85 -4.94 21.76
N GLY D 35 9.84 -3.61 21.61
CA GLY D 35 9.09 -2.72 22.48
C GLY D 35 8.37 -1.71 21.59
N LEU D 36 7.71 -0.73 22.17
CA LEU D 36 6.99 0.26 21.37
C LEU D 36 7.49 1.66 21.64
N VAL D 37 7.21 2.56 20.71
CA VAL D 37 7.23 3.98 20.99
C VAL D 37 5.84 4.46 20.63
N VAL D 38 5.22 5.16 21.57
CA VAL D 38 3.83 5.58 21.43
C VAL D 38 3.86 7.09 21.40
N LEU D 39 3.25 7.67 20.37
CA LEU D 39 3.21 9.11 20.21
C LEU D 39 1.91 9.66 20.73
N VAL D 40 2.00 10.71 21.53
CA VAL D 40 0.86 11.47 22.00
C VAL D 40 1.18 12.95 21.76
N ASN D 41 0.63 13.51 20.68
CA ASN D 41 0.87 14.91 20.29
C ASN D 41 2.34 15.33 20.27
N ALA D 42 3.10 14.81 19.31
CA ALA D 42 4.53 15.14 19.16
C ALA D 42 5.41 14.79 20.38
N GLU D 43 4.84 14.09 21.38
CA GLU D 43 5.61 13.58 22.50
C GLU D 43 5.64 12.06 22.36
N ALA D 44 6.74 11.43 22.81
CA ALA D 44 6.93 9.99 22.63
C ALA D 44 7.12 9.34 23.99
N TYR D 45 6.50 8.15 24.15
CA TYR D 45 6.68 7.33 25.33
C TYR D 45 7.31 6.01 24.90
N LEU D 46 8.36 5.60 25.58
CA LEU D 46 8.99 4.33 25.29
C LEU D 46 8.30 3.25 26.10
N ILE D 47 7.85 2.20 25.42
CA ILE D 47 7.29 1.04 26.09
C ILE D 47 8.36 -0.03 25.99
N ASP D 48 9.02 -0.26 27.13
CA ASP D 48 10.28 -1.01 27.25
C ASP D 48 11.44 -0.25 26.65
N THR D 49 12.60 -0.42 27.25
CA THR D 49 13.85 0.07 26.71
C THR D 49 14.56 -1.08 25.99
N PRO D 50 15.39 -0.76 24.99
CA PRO D 50 16.34 -1.73 24.47
C PRO D 50 17.30 -2.27 25.52
N PHE D 51 18.04 -3.32 25.17
CA PHE D 51 18.97 -3.95 26.08
C PHE D 51 20.05 -3.03 26.58
N THR D 52 20.50 -2.08 25.75
CA THR D 52 21.73 -1.35 26.03
C THR D 52 21.51 0.17 26.06
N ALA D 53 22.46 0.86 26.68
CA ALA D 53 22.54 2.34 26.59
C ALA D 53 22.64 2.84 25.15
N LYS D 54 23.52 2.20 24.39
CA LYS D 54 23.77 2.58 23.00
C LYS D 54 22.49 2.58 22.18
N ASP D 55 21.73 1.48 22.24
CA ASP D 55 20.49 1.40 21.45
C ASP D 55 19.38 2.27 22.01
N THR D 56 19.39 2.51 23.31
CA THR D 56 18.43 3.43 23.90
C THR D 56 18.72 4.84 23.39
N GLU D 57 19.98 5.22 23.34
CA GLU D 57 20.33 6.55 22.79
C GLU D 57 19.93 6.67 21.32
N LYS D 58 20.19 5.62 20.54
CA LYS D 58 19.83 5.61 19.11
C LYS D 58 18.33 5.74 18.92
N LEU D 59 17.58 5.09 19.80
CA LEU D 59 16.12 5.13 19.77
C LEU D 59 15.63 6.52 20.11
N VAL D 60 16.15 7.07 21.21
CA VAL D 60 15.75 8.41 21.67
C VAL D 60 16.10 9.44 20.61
N THR D 61 17.31 9.35 20.07
CA THR D 61 17.79 10.30 19.07
C THR D 61 16.96 10.26 17.79
N TRP D 62 16.58 9.06 17.35
CA TRP D 62 15.75 8.91 16.15
C TRP D 62 14.48 9.75 16.26
N PHE D 63 13.87 9.75 17.44
CA PHE D 63 12.62 10.47 17.66
C PHE D 63 12.85 11.96 17.95
N VAL D 64 13.87 12.28 18.73
CA VAL D 64 14.21 13.68 19.00
C VAL D 64 14.54 14.43 17.70
N GLU D 65 15.33 13.80 16.83
CA GLU D 65 15.74 14.42 15.56
C GLU D 65 14.56 14.66 14.62
N ARG D 66 13.42 13.99 14.87
CA ARG D 66 12.21 14.15 14.08
C ARG D 66 11.15 14.95 14.82
N GLY D 67 11.57 15.69 15.85
CA GLY D 67 10.75 16.69 16.49
C GLY D 67 9.91 16.20 17.63
N TYR D 68 10.12 14.97 18.07
CA TYR D 68 9.40 14.45 19.19
C TYR D 68 10.19 14.74 20.46
N LYS D 69 9.46 14.95 21.54
CA LYS D 69 10.03 15.09 22.86
C LYS D 69 9.79 13.76 23.59
N ILE D 70 10.82 13.22 24.23
CA ILE D 70 10.67 11.97 24.99
C ILE D 70 10.10 12.30 26.36
N LYS D 71 8.86 11.92 26.62
CA LYS D 71 8.22 12.23 27.90
C LYS D 71 8.49 11.20 28.99
N GLY D 72 8.81 9.98 28.60
CA GLY D 72 9.13 8.97 29.59
C GLY D 72 9.20 7.57 29.00
N SER D 73 9.63 6.63 29.83
CA SER D 73 9.67 5.21 29.48
C SER D 73 8.97 4.42 30.57
N ILE D 74 8.37 3.31 30.18
CA ILE D 74 7.84 2.37 31.15
C ILE D 74 8.40 0.99 30.83
N SER D 75 8.89 0.28 31.86
CA SER D 75 9.46 -1.07 31.69
C SER D 75 8.49 -2.13 32.19
N SER D 76 8.28 -3.17 31.36
CA SER D 76 7.26 -4.19 31.60
C SER D 76 7.69 -5.23 32.62
N HIS D 77 9.00 -5.37 32.81
CA HIS D 77 9.51 -6.25 33.87
C HIS D 77 10.99 -5.98 34.11
N PHE D 78 11.58 -6.59 35.13
CA PHE D 78 12.94 -6.18 35.53
C PHE D 78 14.08 -6.64 34.63
N HIS D 79 13.82 -7.67 33.82
CA HIS D 79 14.84 -8.20 32.92
C HIS D 79 15.45 -7.09 32.04
N SER D 80 16.74 -7.22 31.73
CA SER D 80 17.49 -6.20 30.97
C SER D 80 16.91 -5.89 29.59
N GLU D 81 16.26 -6.86 28.98
CA GLU D 81 15.53 -6.67 27.71
C GLU D 81 14.46 -5.59 27.78
N SER D 82 14.00 -5.27 28.99
CA SER D 82 12.98 -4.25 29.23
C SER D 82 13.49 -3.03 29.97
N THR D 83 14.62 -3.13 30.67
CA THR D 83 15.13 -2.08 31.56
C THR D 83 16.55 -1.61 31.24
N GLY D 84 17.18 -2.14 30.20
CA GLY D 84 18.59 -1.85 29.96
C GLY D 84 18.93 -0.41 29.63
N GLY D 85 17.92 0.37 29.27
CA GLY D 85 18.10 1.78 28.97
C GLY D 85 17.75 2.70 30.11
N ILE D 86 17.22 2.16 31.21
CA ILE D 86 16.85 3.02 32.37
C ILE D 86 18.04 3.87 32.85
N GLU D 87 19.22 3.28 32.99
CA GLU D 87 20.41 4.06 33.40
C GLU D 87 20.65 5.26 32.49
N TRP D 88 20.65 5.03 31.19
CA TRP D 88 20.87 6.12 30.23
C TRP D 88 19.78 7.20 30.31
N LEU D 89 18.53 6.77 30.36
CA LEU D 89 17.39 7.71 30.42
C LEU D 89 17.46 8.57 31.68
N ASN D 90 17.66 7.92 32.83
CA ASN D 90 17.83 8.63 34.09
C ASN D 90 18.98 9.64 34.01
N SER D 91 20.05 9.28 33.29
CA SER D 91 21.21 10.15 33.17
C SER D 91 20.93 11.35 32.30
N ARG D 92 19.93 11.27 31.44
CA ARG D 92 19.48 12.44 30.68
C ARG D 92 18.24 13.15 31.25
N SER D 93 17.89 12.81 32.48
CA SER D 93 16.69 13.32 33.17
C SER D 93 15.40 13.09 32.36
N ILE D 94 15.31 11.92 31.74
CA ILE D 94 14.07 11.51 31.07
C ILE D 94 13.36 10.62 32.08
N PRO D 95 12.11 10.95 32.44
CA PRO D 95 11.40 10.17 33.45
C PRO D 95 11.23 8.68 33.08
N THR D 96 11.61 7.80 33.99
CA THR D 96 11.45 6.39 33.81
C THR D 96 10.44 5.89 34.83
N TYR D 97 9.63 4.93 34.41
CA TYR D 97 8.60 4.30 35.23
C TYR D 97 8.74 2.78 35.25
N ALA D 98 8.44 2.20 36.41
CA ALA D 98 8.32 0.77 36.57
C ALA D 98 7.51 0.50 37.81
N SER D 99 6.95 -0.69 37.92
CA SER D 99 6.13 -1.01 39.08
C SER D 99 7.01 -1.10 40.31
N GLU D 100 6.41 -0.94 41.50
CA GLU D 100 7.12 -1.19 42.74
C GLU D 100 7.79 -2.54 42.74
N LEU D 101 7.10 -3.57 42.24
CA LEU D 101 7.69 -4.90 42.23
C LEU D 101 8.92 -4.93 41.34
N THR D 102 8.85 -4.28 40.19
CA THR D 102 9.98 -4.26 39.25
C THR D 102 11.20 -3.57 39.89
N ASN D 103 10.95 -2.42 40.49
CA ASN D 103 12.00 -1.65 41.14
C ASN D 103 12.65 -2.42 42.28
N GLU D 104 11.86 -3.23 43.00
CA GLU D 104 12.43 -4.04 44.09
C GLU D 104 13.30 -5.17 43.52
N LEU D 105 12.87 -5.77 42.41
CA LEU D 105 13.68 -6.78 41.76
C LEU D 105 14.94 -6.22 41.11
N LEU D 106 14.88 -4.98 40.63
CA LEU D 106 16.08 -4.28 40.12
C LEU D 106 17.09 -4.04 41.25
N LYS D 107 16.59 -3.54 42.38
CA LYS D 107 17.43 -3.29 43.58
C LYS D 107 18.14 -4.55 44.06
N LYS D 108 17.41 -5.64 44.16
CA LYS D 108 17.96 -6.92 44.62
C LYS D 108 19.05 -7.44 43.69
N ASP D 109 18.93 -7.09 42.42
CA ASP D 109 19.89 -7.51 41.39
C ASP D 109 21.02 -6.50 41.21
N GLY D 110 21.06 -5.45 42.03
CA GLY D 110 22.07 -4.42 41.92
C GLY D 110 21.95 -3.59 40.64
N LYS D 111 20.71 -3.35 40.20
CA LYS D 111 20.44 -2.54 39.01
C LYS D 111 19.84 -1.22 39.35
N VAL D 112 20.09 -0.23 38.51
CA VAL D 112 19.53 1.09 38.69
C VAL D 112 18.02 1.05 38.52
N GLN D 113 17.31 1.73 39.41
CA GLN D 113 15.84 1.68 39.42
C GLN D 113 15.23 2.77 38.57
N ALA D 114 13.99 2.53 38.16
CA ALA D 114 13.22 3.62 37.59
C ALA D 114 12.96 4.68 38.63
N THR D 115 12.90 5.92 38.16
CA THR D 115 12.71 7.09 38.99
C THR D 115 11.30 7.17 39.55
N ASN D 116 10.31 6.71 38.79
CA ASN D 116 8.91 6.73 39.21
C ASN D 116 8.36 5.32 39.31
N SER D 117 7.66 4.98 40.39
CA SER D 117 6.98 3.68 40.46
C SER D 117 5.46 3.80 40.61
N PHE D 118 4.78 2.67 40.47
CA PHE D 118 3.36 2.63 40.59
C PHE D 118 3.01 1.25 41.10
N SER D 119 1.77 1.10 41.54
CA SER D 119 1.26 -0.20 41.96
C SER D 119 -0.22 -0.31 41.56
N GLY D 120 -0.85 -1.40 41.95
CA GLY D 120 -2.25 -1.63 41.62
C GLY D 120 -2.41 -2.56 40.43
N VAL D 121 -3.64 -2.98 40.20
CA VAL D 121 -3.97 -3.80 39.03
C VAL D 121 -3.77 -2.98 37.77
N ASN D 122 -4.20 -1.72 37.80
CA ASN D 122 -3.99 -0.86 36.64
C ASN D 122 -3.58 0.52 37.03
N TYR D 123 -2.88 1.16 36.10
CA TYR D 123 -2.26 2.45 36.30
C TYR D 123 -2.22 3.21 34.98
N TRP D 124 -2.78 4.43 34.96
CA TRP D 124 -2.76 5.24 33.75
C TRP D 124 -1.48 6.03 33.70
N LEU D 125 -0.55 5.61 32.84
CA LEU D 125 0.66 6.39 32.58
C LEU D 125 0.27 7.68 31.88
N VAL D 126 -0.61 7.57 30.89
CA VAL D 126 -1.25 8.74 30.30
C VAL D 126 -2.75 8.47 30.23
N LYS D 127 -3.52 9.28 30.97
CA LYS D 127 -4.99 9.25 30.95
C LYS D 127 -5.59 8.99 29.56
N ASN D 128 -6.43 7.94 29.48
CA ASN D 128 -7.14 7.54 28.25
C ASN D 128 -6.30 7.10 27.08
N LYS D 129 -4.98 6.97 27.26
CA LYS D 129 -4.11 6.65 26.11
C LYS D 129 -3.12 5.51 26.37
N ILE D 130 -2.58 5.44 27.58
CA ILE D 130 -1.57 4.44 27.93
C ILE D 130 -1.88 3.92 29.32
N GLU D 131 -2.35 2.68 29.38
CA GLU D 131 -2.71 2.02 30.60
C GLU D 131 -1.73 0.85 30.85
N VAL D 132 -1.20 0.77 32.07
CA VAL D 132 -0.41 -0.38 32.51
C VAL D 132 -1.32 -1.31 33.30
N PHE D 133 -1.26 -2.61 33.02
CA PHE D 133 -2.09 -3.59 33.71
C PHE D 133 -1.23 -4.72 34.24
N TYR D 134 -1.46 -5.08 35.49
CA TYR D 134 -0.76 -6.18 36.12
C TYR D 134 -1.69 -7.37 36.22
N PRO D 135 -1.42 -8.41 35.42
CA PRO D 135 -2.24 -9.62 35.45
C PRO D 135 -1.95 -10.57 36.58
N GLY D 136 -0.80 -10.38 37.23
CA GLY D 136 -0.29 -11.31 38.21
C GLY D 136 0.99 -11.94 37.71
N PRO D 137 1.66 -12.71 38.57
CA PRO D 137 2.93 -13.31 38.17
C PRO D 137 2.81 -14.26 37.00
N GLY D 138 3.85 -14.30 36.17
CA GLY D 138 3.90 -15.25 35.08
C GLY D 138 5.31 -15.58 34.68
N HIS D 139 5.74 -15.00 33.57
CA HIS D 139 7.13 -15.01 33.12
C HIS D 139 8.10 -14.58 34.22
N THR D 140 7.70 -13.51 34.93
CA THR D 140 8.38 -13.04 36.12
C THR D 140 7.32 -12.60 37.15
N PRO D 141 7.77 -12.31 38.38
CA PRO D 141 6.80 -11.96 39.43
C PRO D 141 6.09 -10.66 39.18
N ASP D 142 6.76 -9.78 38.44
CA ASP D 142 6.39 -8.36 38.32
C ASP D 142 5.84 -7.97 36.94
N ASN D 143 5.76 -8.95 36.04
CA ASN D 143 5.42 -8.62 34.64
C ASN D 143 4.10 -7.85 34.51
N VAL D 144 4.15 -6.74 33.77
CA VAL D 144 2.98 -5.95 33.42
C VAL D 144 2.86 -5.84 31.91
N VAL D 145 1.67 -5.47 31.47
CA VAL D 145 1.40 -5.25 30.05
C VAL D 145 0.94 -3.83 29.89
N VAL D 146 0.92 -3.35 28.64
CA VAL D 146 0.56 -1.97 28.35
C VAL D 146 -0.49 -1.94 27.25
N TRP D 147 -1.58 -1.25 27.52
CA TRP D 147 -2.76 -1.22 26.65
C TRP D 147 -2.92 0.17 26.07
N LEU D 148 -3.15 0.24 24.77
CA LEU D 148 -3.34 1.51 24.08
C LEU D 148 -4.80 1.49 23.57
N PRO D 149 -5.74 2.01 24.38
CA PRO D 149 -7.18 1.89 24.10
C PRO D 149 -7.63 2.49 22.76
N GLU D 150 -6.96 3.53 22.30
CA GLU D 150 -7.36 4.20 21.07
C GLU D 150 -7.12 3.32 19.85
N ARG D 151 -6.08 2.49 19.88
CA ARG D 151 -5.77 1.61 18.76
CA ARG D 151 -5.77 1.61 18.76
C ARG D 151 -6.07 0.15 19.09
N LYS D 152 -6.52 -0.09 20.32
CA LYS D 152 -6.74 -1.44 20.81
C LYS D 152 -5.49 -2.30 20.56
N ILE D 153 -4.34 -1.76 20.98
CA ILE D 153 -3.06 -2.48 20.90
C ILE D 153 -2.61 -2.84 22.32
N LEU D 154 -2.29 -4.12 22.53
CA LEU D 154 -1.74 -4.57 23.80
C LEU D 154 -0.28 -4.91 23.61
N PHE D 155 0.61 -4.23 24.33
CA PHE D 155 1.97 -4.69 24.40
C PHE D 155 2.03 -5.73 25.52
N GLY D 156 2.26 -6.99 25.16
CA GLY D 156 2.24 -8.07 26.14
C GLY D 156 3.61 -8.46 26.65
N GLY D 157 4.64 -8.03 25.95
CA GLY D 157 6.01 -8.29 26.37
C GLY D 157 6.28 -9.77 26.56
N PHE D 159 5.24 -11.75 28.94
CA PHE D 159 4.07 -12.48 29.45
C PHE D 159 3.39 -13.31 28.34
N ILE D 160 3.39 -12.76 27.12
CA ILE D 160 2.81 -13.41 25.96
C ILE D 160 3.78 -14.38 25.33
N LYS D 161 3.45 -15.66 25.46
CA LYS D 161 4.29 -16.75 25.04
C LYS D 161 3.43 -17.77 24.29
N PRO D 162 3.02 -17.44 23.06
CA PRO D 162 2.03 -18.27 22.36
C PRO D 162 2.57 -19.59 21.83
N TYR D 163 3.89 -19.78 21.81
CA TYR D 163 4.52 -20.98 21.21
C TYR D 163 5.31 -21.82 22.20
N GLY D 164 5.33 -21.40 23.47
CA GLY D 164 6.13 -22.06 24.49
C GLY D 164 6.53 -20.97 25.47
N LEU D 165 6.71 -21.33 26.74
CA LEU D 165 6.88 -20.34 27.79
C LEU D 165 8.30 -19.71 27.88
N GLY D 166 9.28 -20.34 27.24
CA GLY D 166 10.65 -19.80 27.23
C GLY D 166 11.38 -20.01 28.54
N ASN D 167 12.14 -19.00 28.96
CA ASN D 167 12.96 -19.08 30.15
C ASN D 167 12.11 -19.11 31.41
N LEU D 168 12.16 -20.21 32.17
CA LEU D 168 11.33 -20.35 33.37
C LEU D 168 12.08 -19.99 34.65
N GLY D 169 13.31 -19.49 34.51
CA GLY D 169 14.15 -19.17 35.67
C GLY D 169 13.52 -18.27 36.72
N ASP D 170 12.83 -17.23 36.28
CA ASP D 170 12.15 -16.34 37.21
C ASP D 170 10.63 -16.51 37.17
N ALA D 171 10.13 -17.54 36.50
CA ALA D 171 8.69 -17.71 36.26
C ALA D 171 7.92 -18.29 37.43
N ASN D 172 6.64 -17.98 37.48
CA ASN D 172 5.71 -18.55 38.48
C ASN D 172 4.74 -19.45 37.72
N ILE D 173 5.13 -20.70 37.53
CA ILE D 173 4.36 -21.62 36.73
C ILE D 173 2.98 -21.90 37.36
N GLU D 174 2.89 -21.79 38.68
CA GLU D 174 1.67 -22.03 39.43
C GLU D 174 0.65 -20.93 39.19
N ALA D 175 1.11 -19.68 39.18
CA ALA D 175 0.24 -18.51 39.00
C ALA D 175 -0.06 -18.13 37.56
N TRP D 176 0.80 -18.52 36.64
CA TRP D 176 0.71 -18.01 35.25
C TRP D 176 -0.67 -18.28 34.61
N PRO D 177 -1.22 -19.50 34.75
CA PRO D 177 -2.54 -19.73 34.15
C PRO D 177 -3.62 -18.81 34.70
N LYS D 178 -3.61 -18.54 36.00
CA LYS D 178 -4.58 -17.61 36.58
C LYS D 178 -4.38 -16.20 36.02
N SER D 179 -3.12 -15.78 35.96
CA SER D 179 -2.77 -14.48 35.41
C SER D 179 -3.20 -14.36 33.94
N ALA D 180 -2.96 -15.42 33.16
CA ALA D 180 -3.29 -15.39 31.74
C ALA D 180 -4.80 -15.37 31.50
N LYS D 181 -5.54 -16.05 32.37
CA LYS D 181 -7.00 -16.05 32.28
C LYS D 181 -7.53 -14.63 32.52
N LEU D 182 -6.96 -13.97 33.51
CA LEU D 182 -7.35 -12.60 33.81
C LEU D 182 -7.04 -11.68 32.62
N LEU D 183 -5.85 -11.83 32.04
CA LEU D 183 -5.45 -10.97 30.92
C LEU D 183 -6.38 -11.16 29.71
N LYS D 184 -6.71 -12.42 29.43
CA LYS D 184 -7.61 -12.78 28.33
C LYS D 184 -9.00 -12.20 28.55
N SER D 185 -9.50 -12.25 29.79
CA SER D 185 -10.78 -11.65 30.12
C SER D 185 -10.75 -10.14 30.00
N LYS D 186 -9.61 -9.53 30.34
CA LYS D 186 -9.49 -8.08 30.36
C LYS D 186 -9.36 -7.47 28.96
N TYR D 187 -8.58 -8.09 28.07
CA TYR D 187 -8.19 -7.48 26.79
C TYR D 187 -8.54 -8.32 25.57
N GLY D 188 -9.62 -9.10 25.69
CA GLY D 188 -10.09 -9.94 24.60
C GLY D 188 -10.48 -9.15 23.36
N LYS D 189 -10.78 -7.87 23.53
CA LYS D 189 -11.09 -7.01 22.39
C LYS D 189 -9.84 -6.42 21.70
N ALA D 190 -8.65 -6.82 22.15
CA ALA D 190 -7.42 -6.35 21.50
C ALA D 190 -7.46 -6.66 20.01
N LYS D 191 -7.06 -5.67 19.20
CA LYS D 191 -6.85 -5.87 17.76
C LYS D 191 -5.47 -6.40 17.44
N LEU D 192 -4.45 -5.86 18.12
CA LEU D 192 -3.08 -6.36 17.98
C LEU D 192 -2.51 -6.67 19.34
N VAL D 193 -1.77 -7.77 19.42
CA VAL D 193 -1.03 -8.14 20.62
C VAL D 193 0.41 -8.30 20.20
N VAL D 194 1.27 -7.53 20.87
CA VAL D 194 2.68 -7.45 20.57
C VAL D 194 3.52 -8.18 21.63
N PRO D 195 4.08 -9.32 21.26
CA PRO D 195 4.96 -10.00 22.18
C PRO D 195 6.39 -9.52 22.06
N SER D 196 7.23 -9.93 22.98
CA SER D 196 8.63 -9.55 23.00
C SER D 196 9.49 -10.15 21.91
N HIS D 197 9.29 -11.43 21.59
CA HIS D 197 10.29 -12.14 20.79
C HIS D 197 9.78 -12.79 19.49
N SER D 198 8.55 -12.49 19.13
CA SER D 198 7.91 -13.10 17.97
C SER D 198 7.01 -12.06 17.37
N GLU D 199 6.38 -12.40 16.25
CA GLU D 199 5.62 -11.46 15.42
CA GLU D 199 5.68 -11.42 15.47
C GLU D 199 4.35 -10.98 16.11
N VAL D 200 3.89 -9.80 15.72
CA VAL D 200 2.64 -9.25 16.21
C VAL D 200 1.50 -10.18 15.78
N GLY D 201 0.53 -10.33 16.66
CA GLY D 201 -0.63 -11.15 16.40
C GLY D 201 -1.90 -10.43 16.78
N ASP D 202 -3.00 -11.18 16.76
CA ASP D 202 -4.28 -10.64 17.19
C ASP D 202 -4.58 -11.20 18.59
N ALA D 203 -5.82 -11.10 19.03
CA ALA D 203 -6.17 -11.52 20.39
C ALA D 203 -6.00 -13.01 20.62
N SER D 204 -5.86 -13.81 19.56
CA SER D 204 -5.66 -15.25 19.76
C SER D 204 -4.39 -15.55 20.56
N LEU D 205 -3.43 -14.61 20.57
CA LEU D 205 -2.21 -14.79 21.33
C LEU D 205 -2.47 -14.91 22.84
N LEU D 206 -3.59 -14.37 23.29
CA LEU D 206 -3.95 -14.42 24.69
C LEU D 206 -4.39 -15.84 25.06
N LYS D 207 -5.21 -16.45 24.19
CA LYS D 207 -5.65 -17.82 24.39
C LYS D 207 -4.48 -18.78 24.32
N LEU D 208 -3.64 -18.61 23.30
CA LEU D 208 -2.48 -19.47 23.12
C LEU D 208 -1.55 -19.39 24.33
N THR D 209 -1.35 -18.18 24.89
CA THR D 209 -0.54 -18.03 26.09
C THR D 209 -1.16 -18.78 27.28
N LEU D 210 -2.46 -18.63 27.45
CA LEU D 210 -3.18 -19.38 28.48
C LEU D 210 -2.95 -20.87 28.33
N GLU D 211 -3.10 -21.38 27.12
CA GLU D 211 -2.94 -22.82 26.86
C GLU D 211 -1.53 -23.28 27.18
N GLN D 212 -0.54 -22.48 26.80
CA GLN D 212 0.85 -22.78 27.14
C GLN D 212 1.11 -22.75 28.63
N ALA D 213 0.51 -21.82 29.34
CA ALA D 213 0.69 -21.75 30.80
C ALA D 213 0.06 -22.98 31.48
N VAL D 214 -1.15 -23.34 31.05
CA VAL D 214 -1.83 -24.53 31.58
C VAL D 214 -0.99 -25.78 31.31
N LYS D 215 -0.47 -25.91 30.10
CA LYS D 215 0.34 -27.09 29.79
C LYS D 215 1.63 -27.10 30.60
N GLY D 216 2.20 -25.93 30.84
CA GLY D 216 3.42 -25.81 31.63
C GLY D 216 3.22 -26.19 33.08
N LEU D 217 2.05 -25.85 33.63
CA LEU D 217 1.71 -26.22 34.99
C LEU D 217 1.52 -27.73 35.08
N ASN D 218 0.76 -28.29 34.13
CA ASN D 218 0.47 -29.73 34.11
C ASN D 218 1.73 -30.58 34.01
N GLU D 219 2.73 -30.09 33.26
CA GLU D 219 3.99 -30.82 33.10
C GLU D 219 5.02 -30.60 34.21
N SER D 220 4.78 -29.62 35.10
CA SER D 220 5.70 -29.40 36.22
C SER D 220 5.50 -30.45 37.33
#